data_9LD1
#
_entry.id   9LD1
#
_cell.length_a   1.00
_cell.length_b   1.00
_cell.length_c   1.00
_cell.angle_alpha   90.00
_cell.angle_beta   90.00
_cell.angle_gamma   90.00
#
_symmetry.space_group_name_H-M   'P 1'
#
loop_
_entity.id
_entity.type
_entity.pdbx_description
1 polymer 'TC DNA substrate forward strand'
2 polymer 'TC DNA substrate reverse strand'
3 polymer 'inactivate TOD4'
4 non-polymer 'ZINC ION'
#
loop_
_entity_poly.entity_id
_entity_poly.type
_entity_poly.pdbx_seq_one_letter_code
_entity_poly.pdbx_strand_id
1 'polydeoxyribonucleotide'
;(DT)(DG)(DT)(DC)(DA)(DG)(DG)(DA)(DT)(DA)(DC)(DT)(DC)(DC)(DT)(DC)(DA)(DA)(DT)(DC)
(DT)(DA)(DC)(DC)(DG)(DG)(DA)(DC)(DG)(DA)(DG)
;
B
2 'polydeoxyribonucleotide'
;(DC)(DT)(DC)(DG)(DT)(DC)(DC)(DG)(DG)(DT)(DA)(DG)(DA)(DT)(DT)(DG)(DA)(DG)(DG)(DA)
(DG)(DT)(DA)(DT)(DC)(DC)(DT)(DG)(DA)(DC)(DA)
;
C
3 'polypeptide(L)'
;MASSHHHHHHHHSGASVDLRTLGYSQQQQEKIKPKVRSTVAQHHEALVGHGFTHAHIVALSQHPAALGTVAVKYQDMIAA
LPEATHEAIVGVGKQWSGARALEALLTVAGELRGPPLQLDTGQLLKIAKRGGVTAVEAVHAWRNALTGAPLNLTPEQVVA
IASHDGGKQALETVQRLLPVLCQAHGLTPEQVVAIASNIGGKQALETVQRLLPVLCQAHGLTPEQVVAIASNNGGKQALE
TVQRLLPVLCQAHGLTPEQVVAIASNNGGKQALETVQRLLPVLCQAHGLTPEQVVAIASNIGGKQALETVQRLLPVLCQA
HGLTPEQVVAIASNGGGKQALETVQRLLPVLCQAHGLTPEQVVAIASNIGGKQALETVQRLLPVLCQAHGLTPEQVVAIA
SHDGGKQALETVQRLLPVLCQAHGLTPEQVVAIASNGGGKQALETVQRLLPVLCQAHGLTPEQVVAIASHDGGKQALETV
QRLLPVLCQAHGLTPEQVVAIASHDGGKQALETVQRLLPVLCQAHGLTPEQVVAIASNGGGKQALETVQRLLPVLCQAHG
LTPEQVVAIASHDGGKQALETVQRLLPVLCQAHGLTPEQVVAIASNIGGKQALETVQRLLPVLCQAHGLTPEQVVAIASN
IGGKQALETVQRLLPVLCQAHGLTPEQVVAIASNGGGRPALEALHAVLTDGSAQERLRALQEVAGFPVIYTENIDEKTLE
TIEKLIKKEAPGKYRLVRPDGSVEEVSLEELLERIKENNSAAIALGPSGNVWLFEGIDHSLPEYDGTTTHGVLVLDDGTQ
IGFTSGNGDPRYTNYRNNGHVAQKSALYMRENNISNATVYHNNTNGTCGYCNTMTATFLPEGATLTVVPPENAVANNSRA
IDYVKTYTGTSN
;
A
#
# COMPACT_ATOMS: atom_id res chain seq x y z
N GLU C 87 28.10 25.51 18.86
CA GLU C 87 27.18 25.88 17.79
C GLU C 87 25.83 26.32 18.36
N ALA C 88 25.39 25.71 19.46
CA ALA C 88 24.10 26.09 20.03
C ALA C 88 24.11 27.51 20.55
N ILE C 89 25.26 27.97 21.07
CA ILE C 89 25.35 29.33 21.59
C ILE C 89 25.20 30.33 20.46
N VAL C 90 25.80 30.05 19.31
CA VAL C 90 25.64 30.91 18.13
C VAL C 90 24.19 30.90 17.67
N GLY C 91 23.56 29.73 17.67
CA GLY C 91 22.15 29.65 17.31
C GLY C 91 21.28 30.59 18.12
N VAL C 92 21.62 30.78 19.40
CA VAL C 92 20.92 31.76 20.22
C VAL C 92 21.41 33.17 19.93
N GLY C 93 22.73 33.36 19.88
CA GLY C 93 23.26 34.72 19.75
C GLY C 93 22.79 35.44 18.51
N LYS C 94 22.50 34.71 17.44
CA LYS C 94 22.04 35.33 16.20
C LYS C 94 20.56 35.65 16.19
N GLN C 95 19.80 35.44 17.25
CA GLN C 95 18.37 35.71 17.24
C GLN C 95 18.10 37.17 17.58
N TRP C 96 16.84 37.60 17.45
CA TRP C 96 16.49 39.00 17.67
C TRP C 96 16.87 39.47 19.06
N SER C 97 16.92 38.55 20.03
CA SER C 97 17.33 38.84 21.40
C SER C 97 18.44 37.90 21.82
N GLY C 98 19.31 37.53 20.88
CA GLY C 98 20.31 36.52 21.16
C GLY C 98 21.18 36.87 22.35
N ALA C 99 21.83 38.04 22.31
CA ALA C 99 22.73 38.43 23.39
C ALA C 99 21.97 38.55 24.71
N ARG C 100 20.74 39.06 24.66
CA ARG C 100 19.96 39.24 25.89
C ARG C 100 19.51 37.89 26.45
N ALA C 101 19.15 36.96 25.57
CA ALA C 101 18.68 35.66 26.04
C ALA C 101 19.82 34.87 26.69
N LEU C 102 21.02 34.98 26.14
CA LEU C 102 22.15 34.28 26.74
C LEU C 102 22.51 34.86 28.11
N GLU C 103 22.51 36.20 28.23
CA GLU C 103 22.82 36.79 29.53
C GLU C 103 21.73 36.48 30.56
N ALA C 104 20.46 36.56 30.14
CA ALA C 104 19.37 36.22 31.05
C ALA C 104 19.41 34.75 31.43
N LEU C 105 19.72 33.88 30.47
CA LEU C 105 19.68 32.45 30.73
C LEU C 105 20.74 32.07 31.76
N LEU C 106 21.95 32.62 31.65
CA LEU C 106 22.99 32.31 32.62
C LEU C 106 22.57 32.76 34.02
N THR C 107 21.88 33.89 34.11
CA THR C 107 21.44 34.38 35.41
C THR C 107 20.42 33.45 36.06
N VAL C 108 19.45 32.97 35.29
CA VAL C 108 18.34 32.19 35.82
C VAL C 108 18.55 30.67 35.75
N ALA C 109 19.56 30.19 35.02
CA ALA C 109 19.80 28.75 34.92
C ALA C 109 20.01 28.12 36.29
N GLY C 110 20.57 28.87 37.23
CA GLY C 110 20.79 28.31 38.56
C GLY C 110 19.53 27.76 39.19
N GLU C 111 18.39 28.37 38.91
CA GLU C 111 17.12 27.88 39.43
C GLU C 111 16.28 27.13 38.41
N LEU C 112 16.45 27.38 37.11
CA LEU C 112 15.75 26.54 36.14
C LEU C 112 16.20 25.09 36.20
N ARG C 113 17.44 24.81 36.59
CA ARG C 113 17.91 23.44 36.77
C ARG C 113 17.45 22.84 38.09
N GLY C 114 16.74 23.59 38.91
CA GLY C 114 16.30 23.10 40.20
C GLY C 114 15.06 22.24 40.09
N PRO C 115 14.63 21.72 41.24
CA PRO C 115 13.50 20.78 41.27
C PRO C 115 12.27 21.30 40.53
N PRO C 116 11.94 22.60 40.61
CA PRO C 116 10.69 23.04 39.94
C PRO C 116 10.58 22.63 38.48
N LEU C 117 11.70 22.59 37.75
CA LEU C 117 11.68 22.29 36.33
C LEU C 117 12.75 21.29 35.92
N GLN C 118 13.93 21.34 36.53
CA GLN C 118 15.02 20.40 36.24
C GLN C 118 15.33 20.36 34.74
N LEU C 119 15.52 21.54 34.17
CA LEU C 119 15.86 21.65 32.76
C LEU C 119 17.35 21.39 32.53
N ASP C 120 17.64 20.65 31.46
CA ASP C 120 19.01 20.34 31.07
C ASP C 120 19.52 21.36 30.07
N THR C 121 20.74 21.14 29.60
CA THR C 121 21.38 22.13 28.72
C THR C 121 20.58 22.36 27.44
N GLY C 122 20.10 21.29 26.82
CA GLY C 122 19.33 21.43 25.60
C GLY C 122 18.04 22.20 25.79
N GLN C 123 17.31 21.90 26.85
CA GLN C 123 16.07 22.64 27.12
C GLN C 123 16.34 24.10 27.44
N LEU C 124 17.41 24.39 28.18
CA LEU C 124 17.69 25.78 28.53
C LEU C 124 18.01 26.60 27.30
N LEU C 125 18.82 26.05 26.39
CA LEU C 125 19.18 26.79 25.18
C LEU C 125 18.06 26.77 24.17
N LYS C 126 17.28 25.69 24.15
CA LYS C 126 16.14 25.59 23.24
C LYS C 126 15.16 26.73 23.46
N ILE C 127 14.88 27.06 24.72
CA ILE C 127 14.00 28.19 25.02
C ILE C 127 14.66 29.49 24.59
N ALA C 128 15.93 29.69 24.94
CA ALA C 128 16.62 30.91 24.55
C ALA C 128 16.69 31.07 23.05
N LYS C 129 16.83 29.96 22.32
CA LYS C 129 16.97 30.04 20.87
C LYS C 129 15.63 30.37 20.21
N ARG C 130 14.58 29.66 20.58
CA ARG C 130 13.29 29.84 19.93
C ARG C 130 12.40 30.85 20.64
N GLY C 131 12.35 30.82 21.97
CA GLY C 131 11.50 31.73 22.70
C GLY C 131 12.13 33.08 22.95
N GLY C 132 13.45 33.11 23.03
CA GLY C 132 14.19 34.33 23.24
C GLY C 132 14.22 34.72 24.72
N VAL C 133 14.67 35.96 24.94
CA VAL C 133 14.92 36.42 26.31
C VAL C 133 13.62 36.48 27.10
N THR C 134 12.51 36.78 26.43
CA THR C 134 11.25 36.92 27.14
C THR C 134 10.75 35.57 27.63
N ALA C 135 10.93 34.53 26.82
CA ALA C 135 10.55 33.18 27.25
C ALA C 135 11.46 32.69 28.36
N VAL C 136 12.75 33.04 28.32
CA VAL C 136 13.67 32.62 29.37
C VAL C 136 13.28 33.22 30.71
N GLU C 137 12.99 34.52 30.73
CA GLU C 137 12.58 35.18 31.97
C GLU C 137 11.20 34.71 32.40
N ALA C 138 10.30 34.47 31.45
CA ALA C 138 8.95 34.05 31.79
C ALA C 138 8.94 32.69 32.47
N VAL C 139 9.68 31.73 31.92
CA VAL C 139 9.69 30.38 32.48
C VAL C 139 10.29 30.41 33.88
N HIS C 140 11.37 31.17 34.08
CA HIS C 140 11.95 31.28 35.42
C HIS C 140 11.00 31.96 36.39
N ALA C 141 10.54 33.16 36.05
CA ALA C 141 9.73 33.94 36.98
C ALA C 141 8.46 33.23 37.40
N TRP C 142 7.84 32.48 36.49
CA TRP C 142 6.54 31.85 36.73
C TRP C 142 6.71 30.38 37.04
N ARG C 143 7.95 29.97 37.27
CA ARG C 143 8.24 28.54 37.50
C ARG C 143 7.45 28.01 38.68
N ASN C 144 7.16 28.86 39.67
CA ASN C 144 6.40 28.45 40.84
C ASN C 144 4.91 28.31 40.58
N ALA C 145 4.42 28.81 39.44
CA ALA C 145 3.02 28.57 39.08
C ALA C 145 2.91 27.48 38.02
N LEU C 146 3.90 27.39 37.12
CA LEU C 146 3.82 26.43 36.03
C LEU C 146 3.80 24.99 36.53
N THR C 147 4.63 24.67 37.52
CA THR C 147 4.65 23.35 38.14
C THR C 147 4.34 23.45 39.62
N GLY C 148 3.88 22.34 40.20
CA GLY C 148 3.53 22.35 41.61
C GLY C 148 2.26 23.11 41.90
N ALA C 149 1.34 23.15 40.95
CA ALA C 149 0.12 23.94 41.03
C ALA C 149 -0.99 23.17 40.32
N PRO C 150 -2.27 23.52 40.52
CA PRO C 150 -3.33 22.72 39.89
C PRO C 150 -3.23 22.69 38.38
N LEU C 151 -2.42 23.56 37.77
CA LEU C 151 -2.27 23.55 36.32
C LEU C 151 -1.70 22.23 35.84
N ASN C 152 -0.85 21.59 36.64
CA ASN C 152 -0.22 20.31 36.30
C ASN C 152 0.45 20.36 34.93
N LEU C 153 1.17 21.45 34.68
CA LEU C 153 1.87 21.66 33.42
C LEU C 153 3.33 21.24 33.58
N THR C 154 3.66 20.07 33.03
CA THR C 154 4.91 19.41 33.37
C THR C 154 6.09 20.18 32.78
N PRO C 155 7.29 20.00 33.34
CA PRO C 155 8.47 20.70 32.78
C PRO C 155 8.64 20.52 31.28
N GLU C 156 8.35 19.34 30.74
CA GLU C 156 8.46 19.15 29.29
C GLU C 156 7.41 19.96 28.54
N GLN C 157 6.20 20.06 29.08
CA GLN C 157 5.17 20.86 28.44
C GLN C 157 5.50 22.35 28.52
N VAL C 158 6.15 22.77 29.61
CA VAL C 158 6.57 24.16 29.77
C VAL C 158 7.57 24.53 28.68
N VAL C 159 8.55 23.66 28.43
CA VAL C 159 9.54 23.92 27.39
C VAL C 159 8.88 23.96 26.02
N ALA C 160 7.96 23.03 25.76
CA ALA C 160 7.28 23.01 24.47
C ALA C 160 6.54 24.31 24.22
N ILE C 161 5.91 24.87 25.25
CA ILE C 161 5.19 26.13 25.09
C ILE C 161 6.16 27.30 25.02
N ALA C 162 7.18 27.30 25.89
CA ALA C 162 8.10 28.43 25.94
C ALA C 162 8.92 28.59 24.67
N SER C 163 9.27 27.49 23.99
CA SER C 163 10.20 27.53 22.88
C SER C 163 9.49 27.88 21.57
N HIS C 164 8.85 29.04 21.56
CA HIS C 164 8.25 29.59 20.36
C HIS C 164 8.31 31.11 20.45
N ASP C 165 8.33 31.76 19.28
CA ASP C 165 8.14 33.20 19.24
C ASP C 165 6.87 33.59 19.98
N GLY C 166 7.00 34.51 20.93
CA GLY C 166 5.86 34.86 21.77
C GLY C 166 5.62 33.87 22.89
N GLY C 167 6.63 33.04 23.20
CA GLY C 167 6.46 32.06 24.26
C GLY C 167 6.03 32.64 25.58
N LYS C 168 6.51 33.83 25.94
CA LYS C 168 6.07 34.47 27.16
C LYS C 168 4.55 34.67 27.15
N GLN C 169 3.99 34.99 25.99
CA GLN C 169 2.56 35.26 25.90
C GLN C 169 1.76 33.97 26.04
N ALA C 170 2.25 32.89 25.42
CA ALA C 170 1.57 31.60 25.53
C ALA C 170 1.67 31.05 26.94
N LEU C 171 2.80 31.28 27.61
CA LEU C 171 2.94 30.79 28.98
C LEU C 171 1.96 31.47 29.92
N GLU C 172 1.80 32.79 29.81
CA GLU C 172 0.80 33.44 30.66
C GLU C 172 -0.61 32.99 30.30
N THR C 173 -0.91 32.88 29.00
CA THR C 173 -2.28 32.58 28.59
C THR C 173 -2.68 31.17 29.00
N VAL C 174 -1.79 30.19 28.85
CA VAL C 174 -2.15 28.83 29.23
C VAL C 174 -2.35 28.73 30.74
N GLN C 175 -1.60 29.54 31.52
CA GLN C 175 -1.84 29.56 32.96
C GLN C 175 -3.23 30.12 33.27
N ARG C 176 -3.70 31.10 32.50
CA ARG C 176 -4.98 31.71 32.79
C ARG C 176 -6.16 30.88 32.27
N LEU C 177 -6.01 30.26 31.09
CA LEU C 177 -7.13 29.57 30.48
C LEU C 177 -7.17 28.07 30.72
N LEU C 178 -6.03 27.40 30.92
CA LEU C 178 -6.05 25.94 31.04
C LEU C 178 -7.09 25.45 32.04
N PRO C 179 -7.24 26.04 33.23
CA PRO C 179 -8.28 25.54 34.14
C PRO C 179 -9.66 25.57 33.52
N VAL C 180 -9.94 26.54 32.65
CA VAL C 180 -11.27 26.68 32.09
C VAL C 180 -11.45 25.76 30.89
N LEU C 181 -10.46 25.73 30.00
CA LEU C 181 -10.57 24.91 28.80
C LEU C 181 -10.73 23.44 29.15
N CYS C 182 -10.10 22.99 30.23
CA CYS C 182 -10.24 21.59 30.63
C CYS C 182 -11.52 21.36 31.44
N GLN C 183 -11.78 22.21 32.43
CA GLN C 183 -12.87 21.92 33.37
C GLN C 183 -14.22 22.33 32.79
N ALA C 184 -14.27 23.43 32.04
CA ALA C 184 -15.54 23.94 31.52
C ALA C 184 -15.84 23.40 30.13
N HIS C 185 -14.83 23.35 29.26
CA HIS C 185 -15.04 22.93 27.88
C HIS C 185 -14.67 21.47 27.63
N GLY C 186 -14.03 20.82 28.59
CA GLY C 186 -13.78 19.38 28.47
C GLY C 186 -12.63 19.01 27.58
N LEU C 187 -11.64 19.88 27.43
CA LEU C 187 -10.47 19.56 26.63
C LEU C 187 -9.42 18.87 27.49
N THR C 188 -8.68 17.95 26.86
CA THR C 188 -7.60 17.27 27.56
C THR C 188 -6.42 18.22 27.74
N PRO C 189 -5.79 18.25 28.92
CA PRO C 189 -4.63 19.13 29.10
C PRO C 189 -3.61 19.03 27.98
N GLU C 190 -3.42 17.84 27.42
CA GLU C 190 -2.49 17.70 26.30
C GLU C 190 -2.97 18.48 25.09
N GLN C 191 -4.28 18.57 24.89
CA GLN C 191 -4.81 19.33 23.76
C GLN C 191 -4.59 20.82 23.95
N VAL C 192 -4.76 21.32 25.17
CA VAL C 192 -4.56 22.74 25.44
C VAL C 192 -3.08 23.11 25.27
N VAL C 193 -2.18 22.25 25.75
CA VAL C 193 -0.76 22.50 25.58
C VAL C 193 -0.40 22.46 24.09
N ALA C 194 -0.96 21.51 23.35
CA ALA C 194 -0.72 21.44 21.91
C ALA C 194 -1.11 22.74 21.23
N ILE C 195 -2.18 23.38 21.70
CA ILE C 195 -2.56 24.69 21.17
C ILE C 195 -1.56 25.75 21.61
N ALA C 196 -1.19 25.74 22.89
CA ALA C 196 -0.25 26.73 23.42
C ALA C 196 1.11 26.64 22.73
N SER C 197 1.55 25.46 22.34
CA SER C 197 2.89 25.26 21.79
C SER C 197 2.92 25.58 20.30
N ASN C 198 2.62 26.84 19.98
CA ASN C 198 2.60 27.32 18.60
C ASN C 198 3.01 28.79 18.60
N ILE C 199 3.44 29.25 17.42
CA ILE C 199 3.66 30.68 17.23
C ILE C 199 2.32 31.40 17.21
N GLY C 200 2.14 32.33 18.13
CA GLY C 200 0.82 32.90 18.35
C GLY C 200 -0.03 32.03 19.25
N GLY C 201 0.58 31.21 20.09
CA GLY C 201 -0.17 30.36 21.00
C GLY C 201 -1.17 31.11 21.84
N LYS C 202 -0.82 32.30 22.32
CA LYS C 202 -1.79 33.11 23.06
C LYS C 202 -3.03 33.37 22.22
N GLN C 203 -2.84 33.61 20.91
CA GLN C 203 -3.96 33.96 20.06
C GLN C 203 -4.86 32.75 19.79
N ALA C 204 -4.25 31.58 19.57
CA ALA C 204 -5.04 30.38 19.37
C ALA C 204 -5.77 29.98 20.65
N LEU C 205 -5.12 30.15 21.80
CA LEU C 205 -5.75 29.78 23.07
C LEU C 205 -6.98 30.64 23.34
N GLU C 206 -6.86 31.96 23.13
CA GLU C 206 -8.00 32.83 23.38
C GLU C 206 -9.10 32.62 22.35
N THR C 207 -8.71 32.38 21.10
CA THR C 207 -9.72 32.18 20.05
C THR C 207 -10.50 30.89 20.26
N VAL C 208 -9.83 29.82 20.70
CA VAL C 208 -10.56 28.59 21.02
C VAL C 208 -11.50 28.83 22.19
N GLN C 209 -11.02 29.55 23.21
CA GLN C 209 -11.89 29.87 24.34
C GLN C 209 -13.16 30.57 23.88
N ARG C 210 -13.07 31.41 22.85
CA ARG C 210 -14.23 32.13 22.37
C ARG C 210 -15.07 31.30 21.40
N LEU C 211 -14.43 30.69 20.39
CA LEU C 211 -15.17 30.07 19.30
C LEU C 211 -15.44 28.58 19.47
N LEU C 212 -14.75 27.88 20.37
CA LEU C 212 -14.97 26.44 20.52
C LEU C 212 -16.44 26.10 20.67
N PRO C 213 -17.20 26.68 21.60
CA PRO C 213 -18.62 26.30 21.70
C PRO C 213 -19.43 26.74 20.50
N VAL C 214 -18.95 27.73 19.75
CA VAL C 214 -19.68 28.19 18.57
C VAL C 214 -19.47 27.22 17.40
N LEU C 215 -18.23 26.82 17.16
CA LEU C 215 -17.96 25.89 16.07
C LEU C 215 -18.60 24.54 16.34
N CYS C 216 -18.59 24.11 17.60
CA CYS C 216 -19.16 22.81 17.95
C CYS C 216 -20.68 22.81 17.81
N GLN C 217 -21.36 23.84 18.31
CA GLN C 217 -22.81 23.89 18.28
C GLN C 217 -23.39 24.41 16.98
N ALA C 218 -22.71 25.33 16.29
CA ALA C 218 -23.26 25.89 15.06
C ALA C 218 -22.90 25.10 13.80
N HIS C 219 -21.72 24.47 13.74
CA HIS C 219 -21.27 23.84 12.52
C HIS C 219 -20.97 22.35 12.68
N GLY C 220 -21.12 21.79 13.88
CA GLY C 220 -20.95 20.37 14.05
C GLY C 220 -19.51 19.91 14.05
N LEU C 221 -18.59 20.77 14.49
CA LEU C 221 -17.17 20.43 14.55
C LEU C 221 -16.82 19.97 15.95
N THR C 222 -16.28 18.76 16.06
CA THR C 222 -16.03 18.17 17.36
C THR C 222 -14.83 18.85 18.02
N PRO C 223 -14.71 18.76 19.34
CA PRO C 223 -13.53 19.34 20.02
C PRO C 223 -12.21 18.92 19.39
N GLU C 224 -12.11 17.68 18.92
CA GLU C 224 -10.87 17.24 18.27
C GLU C 224 -10.61 18.03 16.99
N GLN C 225 -11.66 18.36 16.24
CA GLN C 225 -11.48 19.11 15.00
C GLN C 225 -11.10 20.56 15.27
N VAL C 226 -11.71 21.18 16.29
CA VAL C 226 -11.38 22.57 16.61
C VAL C 226 -9.96 22.68 17.13
N VAL C 227 -9.54 21.72 17.96
CA VAL C 227 -8.16 21.71 18.44
C VAL C 227 -7.19 21.51 17.27
N ALA C 228 -7.53 20.60 16.35
CA ALA C 228 -6.69 20.38 15.18
C ALA C 228 -6.52 21.67 14.38
N ILE C 229 -7.56 22.48 14.28
CA ILE C 229 -7.46 23.77 13.62
C ILE C 229 -6.61 24.73 14.45
N ALA C 230 -6.84 24.74 15.77
CA ALA C 230 -6.12 25.65 16.65
C ALA C 230 -4.63 25.34 16.77
N SER C 231 -4.24 24.08 16.69
CA SER C 231 -2.86 23.71 16.99
C SER C 231 -1.94 23.98 15.80
N ASN C 232 -1.85 25.23 15.38
CA ASN C 232 -1.04 25.60 14.22
C ASN C 232 -0.46 26.98 14.42
N ASN C 233 0.57 27.30 13.64
CA ASN C 233 1.12 28.65 13.61
C ASN C 233 0.15 29.58 12.90
N GLY C 234 -0.37 30.56 13.61
CA GLY C 234 -1.47 31.35 13.10
C GLY C 234 -2.80 30.65 13.32
N GLY C 235 -2.86 29.81 14.36
CA GLY C 235 -4.08 29.06 14.62
C GLY C 235 -5.30 29.96 14.75
N LYS C 236 -5.13 31.14 15.32
CA LYS C 236 -6.26 32.07 15.43
C LYS C 236 -6.88 32.35 14.07
N GLN C 237 -6.05 32.52 13.05
CA GLN C 237 -6.55 32.90 11.74
C GLN C 237 -7.28 31.75 11.08
N ALA C 238 -6.77 30.52 11.25
CA ALA C 238 -7.48 29.35 10.75
C ALA C 238 -8.82 29.17 11.46
N LEU C 239 -8.85 29.44 12.77
CA LEU C 239 -10.10 29.29 13.51
C LEU C 239 -11.14 30.31 13.07
N GLU C 240 -10.74 31.57 12.92
CA GLU C 240 -11.69 32.60 12.52
C GLU C 240 -12.13 32.41 11.07
N THR C 241 -11.21 31.98 10.20
CA THR C 241 -11.56 31.77 8.82
C THR C 241 -12.54 30.62 8.65
N VAL C 242 -12.35 29.51 9.36
CA VAL C 242 -13.32 28.42 9.28
C VAL C 242 -14.68 28.89 9.77
N GLN C 243 -14.70 29.68 10.85
CA GLN C 243 -15.96 30.19 11.36
C GLN C 243 -16.71 30.99 10.30
N ARG C 244 -15.98 31.74 9.48
CA ARG C 244 -16.61 32.56 8.45
C ARG C 244 -16.89 31.79 7.16
N LEU C 245 -15.93 30.97 6.71
CA LEU C 245 -15.99 30.39 5.38
C LEU C 245 -16.62 29.01 5.30
N LEU C 246 -16.63 28.23 6.39
CA LEU C 246 -17.19 26.89 6.31
C LEU C 246 -18.60 26.86 5.71
N PRO C 247 -19.56 27.68 6.18
CA PRO C 247 -20.89 27.60 5.56
C PRO C 247 -20.93 28.10 4.13
N VAL C 248 -19.95 28.91 3.73
CA VAL C 248 -19.89 29.42 2.37
C VAL C 248 -19.36 28.34 1.44
N LEU C 249 -18.24 27.70 1.81
CA LEU C 249 -17.71 26.63 0.97
C LEU C 249 -18.64 25.43 0.94
N CYS C 250 -19.27 25.10 2.07
CA CYS C 250 -20.15 23.93 2.09
C CYS C 250 -21.39 24.13 1.23
N GLN C 251 -22.02 25.30 1.31
CA GLN C 251 -23.25 25.51 0.57
C GLN C 251 -23.04 26.01 -0.86
N ALA C 252 -21.97 26.77 -1.10
CA ALA C 252 -21.78 27.34 -2.44
C ALA C 252 -21.08 26.35 -3.36
N HIS C 253 -20.18 25.53 -2.82
CA HIS C 253 -19.33 24.66 -3.63
C HIS C 253 -19.52 23.18 -3.33
N GLY C 254 -20.30 22.84 -2.30
CA GLY C 254 -20.47 21.45 -1.93
C GLY C 254 -19.28 20.83 -1.24
N LEU C 255 -18.51 21.64 -0.51
CA LEU C 255 -17.32 21.19 0.18
C LEU C 255 -17.68 20.63 1.55
N THR C 256 -17.31 19.38 1.80
CA THR C 256 -17.71 18.71 3.01
C THR C 256 -17.10 19.41 4.22
N PRO C 257 -17.87 19.64 5.29
CA PRO C 257 -17.28 20.27 6.48
C PRO C 257 -15.98 19.64 6.94
N GLU C 258 -15.84 18.32 6.80
CA GLU C 258 -14.58 17.69 7.18
C GLU C 258 -13.44 18.15 6.27
N GLN C 259 -13.74 18.45 5.01
CA GLN C 259 -12.70 18.94 4.11
C GLN C 259 -12.31 20.37 4.43
N VAL C 260 -13.26 21.18 4.90
CA VAL C 260 -12.93 22.52 5.38
C VAL C 260 -11.96 22.45 6.56
N VAL C 261 -12.22 21.53 7.49
CA VAL C 261 -11.30 21.34 8.61
C VAL C 261 -9.94 20.85 8.11
N ALA C 262 -9.95 19.87 7.21
CA ALA C 262 -8.70 19.31 6.71
C ALA C 262 -7.83 20.39 6.08
N ILE C 263 -8.44 21.33 5.36
CA ILE C 263 -7.67 22.44 4.79
C ILE C 263 -7.07 23.29 5.90
N ALA C 264 -7.86 23.59 6.93
CA ALA C 264 -7.38 24.35 8.09
C ALA C 264 -6.81 23.43 9.16
N SER C 265 -5.90 22.54 8.76
CA SER C 265 -5.21 21.65 9.70
C SER C 265 -3.71 21.79 9.57
N ASN C 266 -3.23 22.92 9.07
CA ASN C 266 -1.80 23.17 8.89
C ASN C 266 -1.58 24.67 8.95
N ASN C 267 -0.32 25.07 8.82
CA ASN C 267 0.02 26.49 8.79
C ASN C 267 -0.53 27.13 7.52
N GLY C 268 -1.04 28.34 7.66
CA GLY C 268 -1.61 29.02 6.50
C GLY C 268 -3.01 28.57 6.17
N GLY C 269 -3.73 28.02 7.16
CA GLY C 269 -5.07 27.54 6.90
C GLY C 269 -6.01 28.62 6.40
N LYS C 270 -5.85 29.85 6.89
CA LYS C 270 -6.65 30.95 6.41
C LYS C 270 -6.46 31.17 4.91
N GLN C 271 -5.20 31.09 4.46
CA GLN C 271 -4.90 31.40 3.07
C GLN C 271 -5.39 30.29 2.14
N ALA C 272 -5.27 29.04 2.59
CA ALA C 272 -5.73 27.91 1.77
C ALA C 272 -7.24 27.94 1.59
N LEU C 273 -7.99 28.26 2.65
CA LEU C 273 -9.45 28.32 2.55
C LEU C 273 -9.90 29.43 1.62
N GLU C 274 -9.29 30.61 1.76
CA GLU C 274 -9.66 31.73 0.90
C GLU C 274 -9.32 31.44 -0.55
N THR C 275 -8.18 30.81 -0.79
CA THR C 275 -7.77 30.48 -2.15
C THR C 275 -8.73 29.49 -2.79
N VAL C 276 -9.14 28.46 -2.05
CA VAL C 276 -10.08 27.49 -2.59
C VAL C 276 -11.38 28.18 -2.98
N GLN C 277 -11.87 29.07 -2.11
CA GLN C 277 -13.09 29.80 -2.42
C GLN C 277 -12.94 30.61 -3.70
N ARG C 278 -11.76 31.19 -3.92
CA ARG C 278 -11.55 32.04 -5.08
C ARG C 278 -11.30 31.22 -6.35
N LEU C 279 -10.56 30.12 -6.24
CA LEU C 279 -10.05 29.42 -7.41
C LEU C 279 -10.90 28.23 -7.87
N LEU C 280 -11.77 27.68 -7.02
CA LEU C 280 -12.60 26.57 -7.51
C LEU C 280 -13.33 26.91 -8.81
N PRO C 281 -14.00 28.06 -8.95
CA PRO C 281 -14.65 28.34 -10.25
C PRO C 281 -13.69 28.26 -11.42
N VAL C 282 -12.41 28.58 -11.21
CA VAL C 282 -11.45 28.60 -12.30
C VAL C 282 -10.87 27.22 -12.54
N LEU C 283 -10.37 26.58 -11.49
CA LEU C 283 -9.67 25.32 -11.66
C LEU C 283 -10.60 24.19 -12.12
N CYS C 284 -11.85 24.19 -11.68
CA CYS C 284 -12.76 23.12 -12.04
C CYS C 284 -13.36 23.33 -13.43
N GLN C 285 -13.45 24.59 -13.86
CA GLN C 285 -14.10 24.88 -15.14
C GLN C 285 -13.10 25.09 -16.27
N ALA C 286 -12.02 25.84 -16.02
CA ALA C 286 -11.05 26.12 -17.06
C ALA C 286 -9.93 25.08 -17.14
N HIS C 287 -9.50 24.52 -16.02
CA HIS C 287 -8.43 23.53 -16.02
C HIS C 287 -8.92 22.10 -15.96
N GLY C 288 -10.21 21.88 -15.68
CA GLY C 288 -10.77 20.54 -15.69
C GLY C 288 -10.39 19.68 -14.50
N LEU C 289 -10.16 20.30 -13.35
CA LEU C 289 -9.77 19.60 -12.13
C LEU C 289 -11.01 19.34 -11.29
N THR C 290 -10.99 18.25 -10.53
CA THR C 290 -12.11 17.92 -9.67
C THR C 290 -11.97 18.63 -8.33
N PRO C 291 -13.09 18.85 -7.64
CA PRO C 291 -13.00 19.42 -6.28
C PRO C 291 -12.07 18.65 -5.36
N GLU C 292 -12.01 17.32 -5.51
CA GLU C 292 -11.12 16.54 -4.66
C GLU C 292 -9.66 16.89 -4.91
N GLN C 293 -9.31 17.16 -6.17
CA GLN C 293 -7.93 17.53 -6.48
C GLN C 293 -7.59 18.91 -5.93
N VAL C 294 -8.53 19.85 -6.01
CA VAL C 294 -8.29 21.19 -5.47
C VAL C 294 -8.13 21.13 -3.95
N VAL C 295 -8.97 20.34 -3.28
CA VAL C 295 -8.86 20.19 -1.84
C VAL C 295 -7.56 19.49 -1.47
N ALA C 296 -7.21 18.44 -2.21
CA ALA C 296 -5.97 17.71 -1.91
C ALA C 296 -4.77 18.65 -1.95
N ILE C 297 -4.77 19.62 -2.86
CA ILE C 297 -3.71 20.62 -2.90
C ILE C 297 -3.82 21.55 -1.70
N ALA C 298 -5.03 22.04 -1.42
CA ALA C 298 -5.28 22.93 -0.30
C ALA C 298 -5.02 22.30 1.06
N SER C 299 -5.08 20.97 1.17
CA SER C 299 -4.96 20.30 2.45
C SER C 299 -3.53 20.26 2.96
N ASN C 300 -2.56 20.68 2.16
CA ASN C 300 -1.15 20.67 2.52
C ASN C 300 -0.74 22.06 2.99
N ILE C 301 0.51 22.17 3.43
CA ILE C 301 1.05 23.46 3.84
C ILE C 301 1.49 24.24 2.61
N GLY C 302 1.10 25.51 2.56
CA GLY C 302 1.31 26.28 1.35
C GLY C 302 0.25 26.06 0.29
N GLY C 303 -0.95 25.70 0.72
CA GLY C 303 -2.02 25.42 -0.23
C GLY C 303 -2.36 26.57 -1.13
N LYS C 304 -2.33 27.80 -0.61
CA LYS C 304 -2.59 28.97 -1.45
C LYS C 304 -1.59 29.03 -2.59
N GLN C 305 -0.31 28.80 -2.30
CA GLN C 305 0.73 28.97 -3.30
C GLN C 305 0.67 27.87 -4.36
N ALA C 306 0.40 26.64 -3.93
CA ALA C 306 0.33 25.52 -4.88
C ALA C 306 -0.86 25.69 -5.82
N LEU C 307 -2.01 26.13 -5.29
CA LEU C 307 -3.19 26.30 -6.14
C LEU C 307 -2.99 27.41 -7.16
N GLU C 308 -2.45 28.55 -6.72
CA GLU C 308 -2.23 29.66 -7.66
C GLU C 308 -1.20 29.29 -8.71
N THR C 309 -0.18 28.53 -8.33
CA THR C 309 0.83 28.09 -9.29
C THR C 309 0.25 27.11 -10.30
N VAL C 310 -0.59 26.19 -9.85
CA VAL C 310 -1.25 25.28 -10.80
C VAL C 310 -2.08 26.08 -11.79
N GLN C 311 -2.82 27.07 -11.31
CA GLN C 311 -3.63 27.91 -12.20
C GLN C 311 -2.78 28.48 -13.32
N ARG C 312 -1.55 28.91 -13.03
CA ARG C 312 -0.70 29.52 -14.04
C ARG C 312 0.09 28.50 -14.86
N LEU C 313 0.62 27.45 -14.22
CA LEU C 313 1.58 26.57 -14.87
C LEU C 313 0.98 25.31 -15.46
N LEU C 314 -0.19 24.86 -15.01
CA LEU C 314 -0.73 23.62 -15.54
C LEU C 314 -0.83 23.63 -17.05
N PRO C 315 -1.39 24.67 -17.70
CA PRO C 315 -1.48 24.61 -19.17
C PRO C 315 -0.13 24.70 -19.85
N VAL C 316 0.88 25.25 -19.15
CA VAL C 316 2.23 25.31 -19.72
C VAL C 316 2.90 23.95 -19.65
N LEU C 317 2.82 23.31 -18.48
CA LEU C 317 3.40 21.98 -18.33
C LEU C 317 2.71 20.98 -19.24
N CYS C 318 1.39 21.10 -19.40
CA CYS C 318 0.66 20.16 -20.24
C CYS C 318 0.94 20.37 -21.72
N GLN C 319 0.91 21.62 -22.19
CA GLN C 319 1.08 21.90 -23.60
C GLN C 319 2.54 21.95 -24.05
N ALA C 320 3.45 22.42 -23.20
CA ALA C 320 4.85 22.52 -23.60
C ALA C 320 5.66 21.26 -23.32
N HIS C 321 5.34 20.49 -22.27
CA HIS C 321 6.18 19.38 -21.88
C HIS C 321 5.45 18.05 -21.88
N GLY C 322 4.16 18.03 -22.18
CA GLY C 322 3.45 16.76 -22.34
C GLY C 322 3.12 16.07 -21.03
N LEU C 323 2.93 16.83 -19.96
CA LEU C 323 2.55 16.29 -18.67
C LEU C 323 1.04 16.34 -18.52
N THR C 324 0.48 15.30 -17.93
CA THR C 324 -0.97 15.23 -17.78
C THR C 324 -1.41 16.09 -16.60
N PRO C 325 -2.66 16.56 -16.60
CA PRO C 325 -3.17 17.28 -15.43
C PRO C 325 -2.98 16.52 -14.13
N GLU C 326 -3.08 15.19 -14.17
CA GLU C 326 -2.90 14.40 -12.95
C GLU C 326 -1.47 14.52 -12.44
N GLN C 327 -0.50 14.58 -13.35
CA GLN C 327 0.90 14.74 -12.93
C GLN C 327 1.14 16.13 -12.34
N VAL C 328 0.49 17.16 -12.89
CA VAL C 328 0.62 18.50 -12.35
C VAL C 328 0.00 18.59 -10.97
N VAL C 329 -1.18 18.00 -10.80
CA VAL C 329 -1.83 18.00 -9.49
C VAL C 329 -1.02 17.18 -8.49
N ALA C 330 -0.53 16.01 -8.92
CA ALA C 330 0.26 15.18 -8.02
C ALA C 330 1.44 15.95 -7.45
N ILE C 331 2.08 16.79 -8.26
CA ILE C 331 3.14 17.66 -7.76
C ILE C 331 2.58 18.69 -6.79
N ALA C 332 1.48 19.33 -7.17
CA ALA C 332 0.83 20.31 -6.32
C ALA C 332 0.25 19.73 -5.04
N SER C 333 -0.05 18.43 -5.02
CA SER C 333 -0.71 17.82 -3.87
C SER C 333 0.27 17.47 -2.76
N ASN C 334 1.53 17.87 -2.88
CA ASN C 334 2.51 17.74 -1.82
C ASN C 334 2.83 19.12 -1.26
N GLY C 335 3.30 19.13 -0.02
CA GLY C 335 3.69 20.37 0.64
C GLY C 335 4.77 21.13 -0.11
N GLY C 336 4.61 22.44 -0.22
CA GLY C 336 5.52 23.22 -1.04
C GLY C 336 5.31 23.04 -2.52
N GLY C 337 4.07 22.75 -2.93
CA GLY C 337 3.80 22.44 -4.32
C GLY C 337 4.23 23.51 -5.30
N LYS C 338 4.10 24.78 -4.92
CA LYS C 338 4.51 25.86 -5.81
C LYS C 338 5.96 25.68 -6.26
N GLN C 339 6.82 25.29 -5.33
CA GLN C 339 8.25 25.26 -5.62
C GLN C 339 8.61 24.10 -6.55
N ALA C 340 7.98 22.95 -6.35
CA ALA C 340 8.21 21.82 -7.24
C ALA C 340 7.64 22.09 -8.63
N LEU C 341 6.50 22.77 -8.71
CA LEU C 341 5.89 23.04 -10.01
C LEU C 341 6.77 23.94 -10.86
N GLU C 342 7.30 25.02 -10.27
CA GLU C 342 8.15 25.92 -11.05
C GLU C 342 9.47 25.27 -11.39
N THR C 343 10.02 24.46 -10.48
CA THR C 343 11.30 23.82 -10.73
C THR C 343 11.20 22.79 -11.85
N VAL C 344 10.10 22.03 -11.90
CA VAL C 344 9.93 21.07 -12.99
C VAL C 344 9.87 21.81 -14.31
N GLN C 345 9.14 22.92 -14.36
CA GLN C 345 9.06 23.69 -15.59
C GLN C 345 10.44 24.14 -16.05
N ARG C 346 11.32 24.46 -15.10
CA ARG C 346 12.64 24.97 -15.45
C ARG C 346 13.64 23.87 -15.77
N LEU C 347 13.64 22.78 -14.99
CA LEU C 347 14.63 21.73 -15.14
C LEU C 347 14.19 20.55 -15.99
N LEU C 348 12.88 20.30 -16.12
CA LEU C 348 12.45 19.11 -16.86
C LEU C 348 13.11 19.01 -18.23
N PRO C 349 13.12 20.05 -19.08
CA PRO C 349 13.71 19.87 -20.41
C PRO C 349 15.21 19.63 -20.36
N VAL C 350 15.86 20.01 -19.26
CA VAL C 350 17.31 19.77 -19.15
C VAL C 350 17.57 18.37 -18.62
N LEU C 351 16.82 17.94 -17.61
CA LEU C 351 16.98 16.59 -17.07
C LEU C 351 16.69 15.51 -18.11
N CYS C 352 15.76 15.76 -19.03
CA CYS C 352 15.46 14.80 -20.08
C CYS C 352 16.51 14.83 -21.20
N GLN C 353 16.88 16.03 -21.65
CA GLN C 353 17.76 16.14 -22.82
C GLN C 353 19.22 15.91 -22.44
N ALA C 354 19.65 16.39 -21.27
CA ALA C 354 21.05 16.30 -20.88
C ALA C 354 21.32 15.08 -19.99
N HIS C 355 20.45 14.82 -19.03
CA HIS C 355 20.68 13.75 -18.06
C HIS C 355 20.03 12.44 -18.43
N GLY C 356 19.15 12.43 -19.42
CA GLY C 356 18.54 11.20 -19.89
C GLY C 356 17.47 10.63 -18.99
N LEU C 357 16.78 11.49 -18.24
CA LEU C 357 15.70 11.07 -17.36
C LEU C 357 14.37 11.23 -18.08
N THR C 358 13.39 10.38 -17.74
CA THR C 358 12.10 10.45 -18.37
C THR C 358 11.22 11.45 -17.61
N PRO C 359 10.23 12.04 -18.29
CA PRO C 359 9.28 12.91 -17.57
C PRO C 359 8.65 12.26 -16.35
N GLU C 360 8.41 10.94 -16.40
CA GLU C 360 7.83 10.26 -15.25
C GLU C 360 8.79 10.28 -14.06
N GLN C 361 10.08 10.13 -14.32
CA GLN C 361 11.07 10.16 -13.24
C GLN C 361 11.16 11.56 -12.62
N VAL C 362 11.06 12.60 -13.46
CA VAL C 362 11.14 13.96 -12.95
C VAL C 362 9.90 14.31 -12.13
N VAL C 363 8.73 13.92 -12.62
CA VAL C 363 7.50 14.15 -11.86
C VAL C 363 7.51 13.36 -10.57
N ALA C 364 7.97 12.10 -10.61
CA ALA C 364 8.04 11.29 -9.41
C ALA C 364 8.89 11.95 -8.34
N ILE C 365 10.02 12.56 -8.75
CA ILE C 365 10.84 13.32 -7.81
C ILE C 365 10.10 14.56 -7.34
N ALA C 366 9.47 15.28 -8.27
CA ALA C 366 8.74 16.50 -7.93
C ALA C 366 7.59 16.27 -6.98
N SER C 367 6.92 15.11 -7.05
CA SER C 367 5.74 14.85 -6.23
C SER C 367 6.08 14.46 -4.80
N ASN C 368 6.76 15.34 -4.06
CA ASN C 368 7.12 15.08 -2.68
C ASN C 368 7.25 16.41 -1.94
N ILE C 369 7.56 16.32 -0.65
CA ILE C 369 7.85 17.52 0.13
C ILE C 369 9.34 17.85 0.00
N GLY C 370 9.61 19.08 -0.45
CA GLY C 370 10.96 19.44 -0.83
C GLY C 370 11.28 19.00 -2.24
N GLY C 371 10.24 18.89 -3.06
CA GLY C 371 10.42 18.43 -4.46
C GLY C 371 11.47 19.26 -5.18
N LYS C 372 11.34 20.59 -5.14
CA LYS C 372 12.29 21.47 -5.86
C LYS C 372 13.72 21.19 -5.41
N GLN C 373 13.91 20.96 -4.11
CA GLN C 373 15.28 20.73 -3.56
C GLN C 373 15.92 19.57 -4.32
N ALA C 374 15.31 18.38 -4.22
CA ALA C 374 15.88 17.16 -4.81
C ALA C 374 15.85 17.24 -6.33
N LEU C 375 14.87 17.95 -6.91
CA LEU C 375 14.93 18.12 -8.38
C LEU C 375 16.28 18.74 -8.69
N GLU C 376 16.54 19.94 -8.16
CA GLU C 376 17.84 20.64 -8.40
C GLU C 376 18.98 19.77 -7.88
N THR C 377 18.76 19.05 -6.77
CA THR C 377 19.88 18.26 -6.17
C THR C 377 20.39 17.26 -7.20
N VAL C 378 19.49 16.51 -7.84
CA VAL C 378 19.87 15.51 -8.88
C VAL C 378 20.41 16.29 -10.09
N GLN C 379 19.70 17.34 -10.48
CA GLN C 379 20.14 18.18 -11.62
C GLN C 379 21.65 18.41 -11.50
N ARG C 380 22.17 18.48 -10.26
CA ARG C 380 23.61 18.82 -10.13
C ARG C 380 24.40 17.60 -9.65
N LEU C 381 23.79 16.74 -8.83
CA LEU C 381 24.52 15.59 -8.24
C LEU C 381 24.36 14.33 -9.09
N LEU C 382 23.40 14.32 -10.03
CA LEU C 382 23.13 13.09 -10.83
C LEU C 382 24.42 12.61 -11.49
N PRO C 383 25.15 13.45 -12.26
CA PRO C 383 26.35 12.99 -12.98
C PRO C 383 27.44 12.58 -11.98
N VAL C 384 27.55 13.28 -10.85
CA VAL C 384 28.60 12.97 -9.89
C VAL C 384 28.37 11.61 -9.27
N LEU C 385 27.14 11.33 -8.84
CA LEU C 385 26.83 10.04 -8.24
C LEU C 385 26.99 8.93 -9.25
N CYS C 386 26.72 9.22 -10.53
CA CYS C 386 26.88 8.22 -11.57
C CYS C 386 28.34 7.99 -11.94
N GLN C 387 29.09 9.07 -12.15
CA GLN C 387 30.46 8.95 -12.64
C GLN C 387 31.47 8.68 -11.54
N ALA C 388 31.28 9.22 -10.34
CA ALA C 388 32.25 9.05 -9.27
C ALA C 388 31.83 7.95 -8.29
N HIS C 389 30.55 7.89 -7.93
CA HIS C 389 30.10 6.94 -6.93
C HIS C 389 29.60 5.63 -7.53
N GLY C 390 29.39 5.58 -8.84
CA GLY C 390 28.97 4.35 -9.48
C GLY C 390 27.51 3.99 -9.30
N LEU C 391 26.64 4.97 -9.10
CA LEU C 391 25.22 4.68 -8.94
C LEU C 391 24.50 4.88 -10.26
N THR C 392 23.44 4.09 -10.48
CA THR C 392 22.68 4.21 -11.71
C THR C 392 21.67 5.35 -11.57
N PRO C 393 21.24 5.93 -12.69
CA PRO C 393 20.18 6.95 -12.61
C PRO C 393 18.95 6.47 -11.86
N GLU C 394 18.61 5.19 -11.98
CA GLU C 394 17.44 4.68 -11.26
C GLU C 394 17.64 4.74 -9.75
N GLN C 395 18.86 4.46 -9.29
CA GLN C 395 19.13 4.52 -7.85
C GLN C 395 19.06 5.96 -7.35
N VAL C 396 19.57 6.91 -8.13
CA VAL C 396 19.56 8.31 -7.71
C VAL C 396 18.14 8.86 -7.73
N VAL C 397 17.36 8.53 -8.76
CA VAL C 397 15.97 8.96 -8.81
C VAL C 397 15.19 8.35 -7.64
N ALA C 398 15.43 7.08 -7.33
CA ALA C 398 14.75 6.45 -6.22
C ALA C 398 15.05 7.16 -4.91
N ILE C 399 16.32 7.51 -4.67
CA ILE C 399 16.68 8.26 -3.48
C ILE C 399 15.97 9.60 -3.45
N ALA C 400 15.87 10.26 -4.61
CA ALA C 400 15.28 11.58 -4.71
C ALA C 400 13.76 11.58 -4.55
N SER C 401 13.13 10.40 -4.54
CA SER C 401 11.67 10.31 -4.63
C SER C 401 11.01 10.23 -3.27
N HIS C 402 11.74 10.52 -2.19
CA HIS C 402 11.18 10.53 -0.84
C HIS C 402 11.30 11.93 -0.27
N ASP C 403 10.43 12.24 0.69
CA ASP C 403 10.49 13.53 1.37
C ASP C 403 11.89 13.76 1.91
N GLY C 404 12.43 14.94 1.64
CA GLY C 404 13.79 15.25 2.04
C GLY C 404 14.79 14.60 1.11
N GLY C 405 14.41 14.43 -0.16
CA GLY C 405 15.28 13.78 -1.12
C GLY C 405 16.64 14.43 -1.21
N LYS C 406 16.68 15.76 -1.12
CA LYS C 406 17.96 16.47 -1.15
C LYS C 406 18.87 15.98 -0.05
N GLN C 407 18.32 15.73 1.14
CA GLN C 407 19.15 15.39 2.28
C GLN C 407 19.73 13.99 2.14
N ALA C 408 18.94 13.04 1.63
CA ALA C 408 19.46 11.72 1.36
C ALA C 408 20.48 11.74 0.22
N LEU C 409 20.25 12.57 -0.79
CA LEU C 409 21.17 12.65 -1.92
C LEU C 409 22.53 13.21 -1.49
N GLU C 410 22.53 14.29 -0.72
CA GLU C 410 23.78 14.89 -0.30
C GLU C 410 24.51 14.01 0.70
N THR C 411 23.77 13.34 1.58
CA THR C 411 24.38 12.42 2.53
C THR C 411 25.06 11.27 1.82
N VAL C 412 24.40 10.70 0.81
CA VAL C 412 25.02 9.62 0.05
C VAL C 412 26.28 10.12 -0.65
N GLN C 413 26.21 11.32 -1.24
CA GLN C 413 27.38 11.87 -1.90
C GLN C 413 28.60 11.86 -0.99
N ARG C 414 28.45 12.36 0.24
CA ARG C 414 29.59 12.49 1.13
C ARG C 414 29.84 11.21 1.94
N LEU C 415 28.79 10.45 2.23
CA LEU C 415 28.88 9.35 3.17
C LEU C 415 29.00 7.97 2.53
N LEU C 416 28.53 7.78 1.31
CA LEU C 416 28.63 6.46 0.69
C LEU C 416 30.03 5.88 0.74
N PRO C 417 31.09 6.61 0.36
CA PRO C 417 32.43 5.99 0.41
C PRO C 417 32.90 5.69 1.82
N VAL C 418 32.24 6.23 2.85
CA VAL C 418 32.64 5.92 4.22
C VAL C 418 31.89 4.68 4.72
N LEU C 419 30.59 4.62 4.48
CA LEU C 419 29.84 3.43 4.90
C LEU C 419 30.32 2.19 4.17
N CYS C 420 30.68 2.32 2.90
CA CYS C 420 31.08 1.15 2.13
C CYS C 420 32.53 0.74 2.41
N GLN C 421 33.36 1.67 2.88
CA GLN C 421 34.77 1.36 3.13
C GLN C 421 35.11 1.21 4.60
N ALA C 422 34.62 2.09 5.46
CA ALA C 422 34.94 1.99 6.88
C ALA C 422 34.07 0.96 7.58
N HIS C 423 32.80 0.87 7.18
CA HIS C 423 31.87 -0.08 7.78
C HIS C 423 31.60 -1.29 6.91
N GLY C 424 32.03 -1.28 5.65
CA GLY C 424 31.90 -2.44 4.80
C GLY C 424 30.50 -2.74 4.31
N LEU C 425 29.65 -1.73 4.15
CA LEU C 425 28.31 -1.96 3.65
C LEU C 425 28.28 -1.94 2.13
N THR C 426 27.39 -2.74 1.55
CA THR C 426 27.27 -2.80 0.12
C THR C 426 26.59 -1.53 -0.39
N PRO C 427 27.09 -0.93 -1.48
CA PRO C 427 26.42 0.28 -1.99
C PRO C 427 24.91 0.13 -2.14
N GLU C 428 24.46 -1.07 -2.48
CA GLU C 428 23.02 -1.31 -2.57
C GLU C 428 22.34 -1.14 -1.22
N GLN C 429 23.02 -1.50 -0.14
CA GLN C 429 22.45 -1.33 1.19
C GLN C 429 22.35 0.13 1.57
N VAL C 430 23.37 0.92 1.24
CA VAL C 430 23.36 2.35 1.54
C VAL C 430 22.26 3.05 0.75
N VAL C 431 22.10 2.68 -0.52
CA VAL C 431 20.99 3.24 -1.31
C VAL C 431 19.65 2.81 -0.73
N ALA C 432 19.54 1.54 -0.32
CA ALA C 432 18.30 1.07 0.27
C ALA C 432 17.94 1.88 1.50
N ILE C 433 18.93 2.27 2.30
CA ILE C 433 18.66 3.14 3.45
C ILE C 433 18.32 4.55 2.97
N ALA C 434 19.09 5.06 2.00
CA ALA C 434 18.85 6.41 1.49
C ALA C 434 17.46 6.55 0.90
N SER C 435 16.93 5.50 0.27
CA SER C 435 15.64 5.60 -0.39
C SER C 435 14.50 5.42 0.61
N ASN C 436 14.44 6.29 1.61
CA ASN C 436 13.38 6.28 2.61
C ASN C 436 13.12 7.71 3.05
N GLY C 437 11.94 7.92 3.63
CA GLY C 437 11.67 9.18 4.30
C GLY C 437 12.54 9.37 5.53
N GLY C 438 13.25 10.48 5.59
CA GLY C 438 14.23 10.67 6.64
C GLY C 438 15.49 9.87 6.40
N GLY C 439 15.76 9.56 5.13
CA GLY C 439 16.92 8.75 4.79
C GLY C 439 18.22 9.29 5.33
N LYS C 440 18.38 10.62 5.36
CA LYS C 440 19.60 11.20 5.91
C LYS C 440 19.80 10.74 7.36
N GLN C 441 18.72 10.66 8.12
CA GLN C 441 18.83 10.36 9.54
C GLN C 441 19.24 8.91 9.75
N ALA C 442 18.66 8.00 8.98
CA ALA C 442 19.07 6.59 9.06
C ALA C 442 20.52 6.42 8.59
N LEU C 443 20.94 7.16 7.56
CA LEU C 443 22.30 7.04 7.08
C LEU C 443 23.31 7.53 8.11
N GLU C 444 23.04 8.68 8.74
CA GLU C 444 23.99 9.21 9.70
C GLU C 444 24.01 8.37 10.97
N THR C 445 22.83 7.86 11.37
CA THR C 445 22.74 7.03 12.56
C THR C 445 23.55 5.75 12.40
N VAL C 446 23.47 5.11 11.24
CA VAL C 446 24.25 3.89 11.00
C VAL C 446 25.74 4.22 11.03
N GLN C 447 26.12 5.33 10.40
CA GLN C 447 27.52 5.72 10.38
C GLN C 447 28.11 5.78 11.78
N ARG C 448 27.39 6.39 12.72
CA ARG C 448 27.90 6.50 14.08
C ARG C 448 27.49 5.35 15.00
N LEU C 449 26.38 4.66 14.72
CA LEU C 449 25.85 3.70 15.67
C LEU C 449 26.17 2.25 15.34
N LEU C 450 26.40 1.92 14.07
CA LEU C 450 26.62 0.51 13.72
C LEU C 450 27.64 -0.17 14.63
N PRO C 451 28.78 0.44 14.96
CA PRO C 451 29.72 -0.26 15.85
C PRO C 451 29.11 -0.67 17.18
N VAL C 452 28.16 0.11 17.70
CA VAL C 452 27.58 -0.20 19.01
C VAL C 452 26.58 -1.35 18.89
N LEU C 453 25.67 -1.28 17.92
CA LEU C 453 24.67 -2.34 17.79
C LEU C 453 25.31 -3.68 17.48
N CYS C 454 26.40 -3.68 16.71
CA CYS C 454 27.05 -4.94 16.36
C CYS C 454 27.96 -5.44 17.48
N GLN C 455 28.77 -4.55 18.06
CA GLN C 455 29.78 -5.01 19.01
C GLN C 455 29.24 -5.14 20.43
N ALA C 456 28.31 -4.27 20.82
CA ALA C 456 27.79 -4.32 22.18
C ALA C 456 26.55 -5.20 22.29
N HIS C 457 25.63 -5.10 21.33
CA HIS C 457 24.37 -5.79 21.40
C HIS C 457 24.29 -7.03 20.50
N GLY C 458 25.30 -7.28 19.68
CA GLY C 458 25.36 -8.51 18.92
C GLY C 458 24.50 -8.55 17.68
N LEU C 459 24.22 -7.40 17.07
CA LEU C 459 23.45 -7.38 15.84
C LEU C 459 24.37 -7.57 14.64
N THR C 460 23.86 -8.16 13.57
CA THR C 460 24.63 -8.23 12.34
C THR C 460 24.42 -6.97 11.52
N PRO C 461 25.38 -6.63 10.65
CA PRO C 461 25.16 -5.48 9.75
C PRO C 461 23.87 -5.57 8.97
N GLU C 462 23.44 -6.79 8.60
CA GLU C 462 22.19 -6.95 7.88
C GLU C 462 21.00 -6.54 8.73
N GLN C 463 21.04 -6.89 10.03
CA GLN C 463 19.95 -6.50 10.92
C GLN C 463 19.89 -5.00 11.12
N VAL C 464 21.04 -4.36 11.28
CA VAL C 464 21.07 -2.92 11.49
C VAL C 464 20.63 -2.18 10.23
N VAL C 465 21.09 -2.64 9.07
CA VAL C 465 20.62 -2.07 7.81
C VAL C 465 19.13 -2.31 7.64
N ALA C 466 18.66 -3.51 7.98
CA ALA C 466 17.24 -3.81 7.87
C ALA C 466 16.40 -2.86 8.69
N ILE C 467 16.85 -2.53 9.91
CA ILE C 467 16.14 -1.55 10.72
C ILE C 467 16.28 -0.16 10.13
N ALA C 468 17.48 0.18 9.66
CA ALA C 468 17.72 1.50 9.08
C ALA C 468 16.89 1.77 7.85
N SER C 469 16.61 0.77 7.03
CA SER C 469 15.96 1.00 5.74
C SER C 469 14.46 1.11 5.91
N HIS C 470 14.01 2.06 6.74
CA HIS C 470 12.59 2.30 6.93
C HIS C 470 12.40 3.76 7.33
N ASP C 471 11.21 4.29 7.08
CA ASP C 471 10.84 5.59 7.61
C ASP C 471 10.97 5.58 9.13
N GLY C 472 11.75 6.52 9.65
CA GLY C 472 11.98 6.56 11.09
C GLY C 472 13.06 5.59 11.54
N GLY C 473 13.87 5.10 10.61
CA GLY C 473 14.93 4.17 10.97
C GLY C 473 15.83 4.66 12.09
N LYS C 474 16.12 5.96 12.13
CA LYS C 474 16.92 6.51 13.21
C LYS C 474 16.29 6.19 14.56
N GLN C 475 14.97 6.30 14.65
CA GLN C 475 14.30 6.16 15.94
C GLN C 475 14.31 4.71 16.40
N ALA C 476 14.10 3.77 15.48
CA ALA C 476 14.18 2.36 15.84
C ALA C 476 15.60 1.96 16.21
N LEU C 477 16.59 2.51 15.51
CA LEU C 477 17.97 2.17 15.81
C LEU C 477 18.39 2.63 17.20
N GLU C 478 18.03 3.86 17.57
CA GLU C 478 18.40 4.37 18.89
C GLU C 478 17.66 3.61 20.00
N THR C 479 16.39 3.28 19.75
CA THR C 479 15.61 2.56 20.74
C THR C 479 16.18 1.17 20.99
N VAL C 480 16.60 0.47 19.93
CA VAL C 480 17.22 -0.84 20.13
C VAL C 480 18.48 -0.72 20.97
N GLN C 481 19.31 0.28 20.67
CA GLN C 481 20.58 0.41 21.37
C GLN C 481 20.36 0.52 22.87
N ARG C 482 19.34 1.25 23.30
CA ARG C 482 19.12 1.49 24.72
C ARG C 482 18.14 0.51 25.36
N LEU C 483 17.18 -0.03 24.58
CA LEU C 483 16.13 -0.84 25.15
C LEU C 483 16.32 -2.34 24.96
N LEU C 484 17.04 -2.77 23.94
CA LEU C 484 17.19 -4.20 23.70
C LEU C 484 17.63 -4.96 24.94
N PRO C 485 18.66 -4.53 25.69
CA PRO C 485 19.08 -5.34 26.85
C PRO C 485 18.04 -5.40 27.96
N VAL C 486 17.11 -4.45 27.97
CA VAL C 486 16.03 -4.47 28.96
C VAL C 486 14.96 -5.49 28.57
N LEU C 487 14.55 -5.47 27.30
CA LEU C 487 13.60 -6.46 26.84
C LEU C 487 14.16 -7.88 26.92
N CYS C 488 15.46 -8.04 26.66
CA CYS C 488 16.05 -9.38 26.70
C CYS C 488 16.26 -9.87 28.12
N GLN C 489 16.78 -9.01 29.00
CA GLN C 489 17.16 -9.47 30.33
C GLN C 489 15.98 -9.45 31.32
N ALA C 490 15.10 -8.47 31.18
CA ALA C 490 13.99 -8.34 32.12
C ALA C 490 12.79 -9.19 31.73
N HIS C 491 12.56 -9.43 30.44
CA HIS C 491 11.37 -10.12 29.98
C HIS C 491 11.64 -11.40 29.20
N GLY C 492 12.89 -11.70 28.90
CA GLY C 492 13.23 -12.94 28.24
C GLY C 492 13.03 -12.98 26.75
N LEU C 493 13.09 -11.84 26.06
CA LEU C 493 12.99 -11.83 24.62
C LEU C 493 14.37 -11.98 23.99
N THR C 494 14.40 -12.55 22.78
CA THR C 494 15.65 -12.74 22.09
C THR C 494 15.99 -11.50 21.28
N PRO C 495 17.28 -11.25 21.01
CA PRO C 495 17.63 -10.12 20.13
C PRO C 495 16.91 -10.16 18.80
N GLU C 496 16.65 -11.35 18.26
CA GLU C 496 15.94 -11.46 16.99
C GLU C 496 14.51 -10.94 17.10
N GLN C 497 13.86 -11.20 18.24
CA GLN C 497 12.50 -10.69 18.43
C GLN C 497 12.50 -9.17 18.55
N VAL C 498 13.51 -8.61 19.19
CA VAL C 498 13.61 -7.16 19.31
C VAL C 498 13.87 -6.52 17.95
N VAL C 499 14.76 -7.12 17.16
CA VAL C 499 15.03 -6.61 15.82
C VAL C 499 13.80 -6.72 14.94
N ALA C 500 13.09 -7.85 15.02
CA ALA C 500 11.87 -8.02 14.23
C ALA C 500 10.86 -6.93 14.52
N ILE C 501 10.74 -6.55 15.80
CA ILE C 501 9.86 -5.43 16.15
C ILE C 501 10.44 -4.12 15.64
N ALA C 502 11.74 -3.91 15.85
CA ALA C 502 12.40 -2.68 15.44
C ALA C 502 12.33 -2.40 13.94
N SER C 503 12.33 -3.44 13.11
CA SER C 503 12.44 -3.22 11.67
C SER C 503 11.26 -2.43 11.13
N HIS C 504 10.05 -2.73 11.59
CA HIS C 504 8.85 -2.17 10.99
C HIS C 504 8.77 -0.67 11.25
N ASP C 505 8.11 0.03 10.32
CA ASP C 505 7.81 1.44 10.52
C ASP C 505 7.14 1.66 11.87
N GLY C 506 7.66 2.62 12.63
CA GLY C 506 7.20 2.82 13.99
C GLY C 506 7.84 1.88 14.99
N GLY C 507 8.95 1.24 14.61
CA GLY C 507 9.60 0.30 15.50
C GLY C 507 9.86 0.84 16.89
N LYS C 508 10.25 2.11 17.00
CA LYS C 508 10.43 2.72 18.31
C LYS C 508 9.17 2.61 19.15
N GLN C 509 8.01 2.82 18.52
CA GLN C 509 6.76 2.86 19.25
C GLN C 509 6.34 1.47 19.70
N ALA C 510 6.51 0.47 18.83
CA ALA C 510 6.19 -0.90 19.20
C ALA C 510 7.16 -1.41 20.26
N LEU C 511 8.43 -1.02 20.19
CA LEU C 511 9.41 -1.49 21.17
C LEU C 511 9.08 -0.96 22.57
N GLU C 512 8.76 0.33 22.68
CA GLU C 512 8.42 0.89 23.99
C GLU C 512 7.10 0.33 24.50
N THR C 513 6.15 0.12 23.59
CA THR C 513 4.84 -0.40 24.00
C THR C 513 4.95 -1.83 24.51
N VAL C 514 5.78 -2.66 23.87
CA VAL C 514 6.01 -4.00 24.39
C VAL C 514 6.65 -3.93 25.77
N GLN C 515 7.63 -3.04 25.95
CA GLN C 515 8.25 -2.90 27.26
C GLN C 515 7.21 -2.58 28.33
N ARG C 516 6.18 -1.82 27.97
CA ARG C 516 5.17 -1.43 28.95
C ARG C 516 4.11 -2.52 29.12
N LEU C 517 3.55 -3.02 28.02
CA LEU C 517 2.38 -3.90 28.06
C LEU C 517 2.74 -5.38 28.14
N LEU C 518 3.93 -5.79 27.73
CA LEU C 518 4.26 -7.21 27.75
C LEU C 518 4.02 -7.84 29.10
N PRO C 519 4.47 -7.28 30.24
CA PRO C 519 4.17 -7.93 31.53
C PRO C 519 2.69 -7.85 31.91
N VAL C 520 1.89 -7.04 31.22
CA VAL C 520 0.48 -6.97 31.53
C VAL C 520 -0.32 -7.94 30.68
N LEU C 521 -0.06 -7.95 29.37
CA LEU C 521 -0.77 -8.85 28.47
C LEU C 521 -0.53 -10.31 28.84
N CYS C 522 0.68 -10.65 29.27
CA CYS C 522 1.01 -12.05 29.57
C CYS C 522 0.56 -12.47 30.96
N GLN C 523 0.03 -11.56 31.77
CA GLN C 523 -0.40 -11.90 33.13
C GLN C 523 -1.86 -11.57 33.38
N ALA C 524 -2.31 -10.37 33.01
CA ALA C 524 -3.71 -10.02 33.18
C ALA C 524 -4.61 -10.88 32.31
N HIS C 525 -4.16 -11.21 31.10
CA HIS C 525 -4.95 -12.00 30.17
C HIS C 525 -4.33 -13.36 29.88
N GLY C 526 -3.08 -13.58 30.27
CA GLY C 526 -2.47 -14.88 30.10
C GLY C 526 -1.95 -15.19 28.71
N LEU C 527 -1.56 -14.17 27.95
CA LEU C 527 -1.00 -14.40 26.62
C LEU C 527 0.44 -14.88 26.70
N THR C 528 0.84 -15.65 25.72
CA THR C 528 2.22 -16.11 25.62
C THR C 528 3.11 -14.98 25.10
N PRO C 529 4.28 -14.75 25.69
CA PRO C 529 5.15 -13.68 25.18
C PRO C 529 5.37 -13.73 23.69
N GLU C 530 5.40 -14.92 23.08
CA GLU C 530 5.55 -15.01 21.63
C GLU C 530 4.35 -14.39 20.93
N GLN C 531 3.16 -14.50 21.52
CA GLN C 531 1.97 -13.90 20.92
C GLN C 531 2.05 -12.38 20.95
N VAL C 532 2.56 -11.82 22.06
CA VAL C 532 2.69 -10.38 22.18
C VAL C 532 3.72 -9.85 21.18
N VAL C 533 4.83 -10.57 21.03
CA VAL C 533 5.83 -10.18 20.04
C VAL C 533 5.27 -10.27 18.63
N ALA C 534 4.53 -11.35 18.34
CA ALA C 534 3.91 -11.48 17.02
C ALA C 534 3.00 -10.30 16.72
N ILE C 535 2.29 -9.80 17.72
CA ILE C 535 1.49 -8.58 17.54
C ILE C 535 2.41 -7.38 17.34
N ALA C 536 3.44 -7.27 18.17
CA ALA C 536 4.35 -6.13 18.09
C ALA C 536 5.09 -6.07 16.77
N SER C 537 5.43 -7.22 16.17
CA SER C 537 6.24 -7.25 14.95
C SER C 537 5.39 -7.00 13.71
N ASN C 538 4.73 -5.84 13.70
CA ASN C 538 3.88 -5.42 12.61
C ASN C 538 3.90 -3.91 12.53
N GLY C 539 3.58 -3.38 11.35
CA GLY C 539 3.42 -1.95 11.20
C GLY C 539 2.25 -1.43 12.01
N GLY C 540 2.48 -0.42 12.84
CA GLY C 540 1.45 0.00 13.77
C GLY C 540 1.34 -0.91 14.97
N GLY C 541 2.38 -1.68 15.27
CA GLY C 541 2.34 -2.62 16.37
C GLY C 541 1.92 -2.00 17.69
N LYS C 542 2.32 -0.76 17.96
CA LYS C 542 1.90 -0.10 19.17
C LYS C 542 0.38 -0.08 19.28
N GLN C 543 -0.30 0.15 18.16
CA GLN C 543 -1.74 0.33 18.19
C GLN C 543 -2.45 -1.00 18.41
N ALA C 544 -1.95 -2.06 17.78
CA ALA C 544 -2.52 -3.39 18.01
C ALA C 544 -2.28 -3.86 19.43
N LEU C 545 -1.11 -3.55 20.00
CA LEU C 545 -0.82 -3.97 21.37
C LEU C 545 -1.76 -3.30 22.37
N GLU C 546 -1.98 -1.99 22.21
CA GLU C 546 -2.90 -1.29 23.10
C GLU C 546 -4.34 -1.77 22.91
N THR C 547 -4.74 -2.01 21.66
CA THR C 547 -6.11 -2.39 21.38
C THR C 547 -6.41 -3.79 21.91
N VAL C 548 -5.47 -4.72 21.80
CA VAL C 548 -5.68 -6.05 22.37
C VAL C 548 -5.81 -5.96 23.87
N GLN C 549 -4.95 -5.15 24.49
CA GLN C 549 -5.05 -4.96 25.94
C GLN C 549 -6.43 -4.48 26.35
N ARG C 550 -7.07 -3.66 25.51
CA ARG C 550 -8.38 -3.13 25.86
C ARG C 550 -9.51 -4.09 25.48
N LEU C 551 -9.49 -4.62 24.25
CA LEU C 551 -10.61 -5.39 23.73
C LEU C 551 -10.53 -6.89 23.99
N LEU C 552 -9.35 -7.45 24.23
CA LEU C 552 -9.26 -8.90 24.42
C LEU C 552 -10.23 -9.40 25.48
N PRO C 553 -10.36 -8.78 26.66
CA PRO C 553 -11.30 -9.32 27.65
C PRO C 553 -12.75 -9.08 27.26
N VAL C 554 -13.00 -8.27 26.24
CA VAL C 554 -14.37 -8.03 25.79
C VAL C 554 -14.72 -8.96 24.64
N LEU C 555 -13.81 -9.10 23.69
CA LEU C 555 -14.06 -9.97 22.55
C LEU C 555 -14.26 -11.42 22.98
N CYS C 556 -13.53 -11.86 24.00
CA CYS C 556 -13.65 -13.24 24.46
C CYS C 556 -14.86 -13.46 25.35
N GLN C 557 -15.58 -12.40 25.72
CA GLN C 557 -16.73 -12.52 26.61
C GLN C 557 -18.03 -12.09 25.96
N ALA C 558 -18.06 -10.91 25.33
CA ALA C 558 -19.28 -10.45 24.67
C ALA C 558 -19.62 -11.33 23.47
N HIS C 559 -18.60 -11.79 22.75
CA HIS C 559 -18.79 -12.60 21.56
C HIS C 559 -18.31 -14.03 21.71
N GLY C 560 -17.53 -14.32 22.75
CA GLY C 560 -17.03 -15.67 22.96
C GLY C 560 -15.89 -16.09 22.07
N LEU C 561 -15.07 -15.14 21.60
CA LEU C 561 -13.95 -15.48 20.74
C LEU C 561 -12.80 -16.05 21.55
N THR C 562 -12.03 -16.95 20.93
CA THR C 562 -10.88 -17.53 21.60
C THR C 562 -9.72 -16.54 21.60
N PRO C 563 -9.01 -16.38 22.72
CA PRO C 563 -7.87 -15.45 22.74
C PRO C 563 -6.92 -15.63 21.57
N GLU C 564 -6.75 -16.86 21.09
CA GLU C 564 -5.90 -17.07 19.92
C GLU C 564 -6.46 -16.38 18.69
N GLN C 565 -7.78 -16.33 18.58
CA GLN C 565 -8.40 -15.65 17.44
C GLN C 565 -8.19 -14.15 17.50
N VAL C 566 -8.21 -13.57 18.71
CA VAL C 566 -7.97 -12.14 18.88
C VAL C 566 -6.52 -11.81 18.56
N VAL C 567 -5.58 -12.64 19.02
CA VAL C 567 -4.17 -12.42 18.70
C VAL C 567 -3.94 -12.52 17.19
N ALA C 568 -4.55 -13.53 16.55
CA ALA C 568 -4.41 -13.67 15.10
C ALA C 568 -4.90 -12.43 14.36
N ILE C 569 -6.02 -11.86 14.78
CA ILE C 569 -6.50 -10.62 14.17
C ILE C 569 -5.49 -9.51 14.36
N ALA C 570 -4.88 -9.44 15.54
CA ALA C 570 -3.94 -8.39 15.89
C ALA C 570 -2.59 -8.53 15.21
N SER C 571 -2.31 -9.66 14.56
CA SER C 571 -0.97 -9.99 14.11
C SER C 571 -0.67 -9.50 12.70
N HIS C 572 -1.47 -8.58 12.16
CA HIS C 572 -1.22 -8.01 10.84
C HIS C 572 -1.15 -6.49 10.95
N ASP C 573 -0.49 -5.88 9.96
CA ASP C 573 -0.43 -4.43 9.89
C ASP C 573 -1.82 -3.83 10.05
N GLY C 574 -1.93 -2.85 10.93
CA GLY C 574 -3.22 -2.23 11.20
C GLY C 574 -4.11 -3.08 12.08
N GLY C 575 -3.51 -3.89 12.96
CA GLY C 575 -4.29 -4.77 13.80
C GLY C 575 -5.35 -4.06 14.62
N LYS C 576 -5.06 -2.83 15.06
CA LYS C 576 -6.06 -2.07 15.80
C LYS C 576 -7.35 -1.95 15.00
N GLN C 577 -7.23 -1.72 13.70
CA GLN C 577 -8.41 -1.42 12.89
C GLN C 577 -9.28 -2.65 12.69
N ALA C 578 -8.65 -3.81 12.50
CA ALA C 578 -9.42 -5.05 12.40
C ALA C 578 -10.04 -5.41 13.74
N LEU C 579 -9.32 -5.16 14.84
CA LEU C 579 -9.85 -5.50 16.15
C LEU C 579 -11.09 -4.68 16.49
N GLU C 580 -11.04 -3.37 16.22
CA GLU C 580 -12.18 -2.52 16.54
C GLU C 580 -13.36 -2.83 15.63
N THR C 581 -13.10 -3.13 14.35
CA THR C 581 -14.18 -3.45 13.44
C THR C 581 -14.89 -4.73 13.85
N VAL C 582 -14.14 -5.76 14.25
CA VAL C 582 -14.78 -6.99 14.70
C VAL C 582 -15.59 -6.73 15.95
N GLN C 583 -15.05 -5.94 16.88
CA GLN C 583 -15.77 -5.69 18.13
C GLN C 583 -17.16 -5.15 17.86
N ARG C 584 -17.30 -4.25 16.88
CA ARG C 584 -18.60 -3.65 16.63
C ARG C 584 -19.38 -4.41 15.56
N LEU C 585 -18.69 -5.01 14.59
CA LEU C 585 -19.35 -5.52 13.40
C LEU C 585 -19.65 -7.02 13.43
N LEU C 586 -18.93 -7.81 14.23
CA LEU C 586 -19.19 -9.26 14.25
C LEU C 586 -20.66 -9.58 14.50
N PRO C 587 -21.34 -8.99 15.49
CA PRO C 587 -22.72 -9.42 15.73
C PRO C 587 -23.67 -9.04 14.60
N VAL C 588 -23.30 -8.02 13.81
CA VAL C 588 -24.11 -7.65 12.65
C VAL C 588 -23.93 -8.66 11.53
N LEU C 589 -22.69 -9.04 11.24
CA LEU C 589 -22.46 -10.05 10.20
C LEU C 589 -23.07 -11.38 10.58
N CYS C 590 -23.10 -11.70 11.88
CA CYS C 590 -23.75 -12.93 12.31
C CYS C 590 -25.27 -12.82 12.29
N GLN C 591 -25.82 -11.74 12.86
CA GLN C 591 -27.27 -11.64 12.99
C GLN C 591 -27.96 -11.32 11.68
N ALA C 592 -27.38 -10.43 10.87
CA ALA C 592 -28.03 -9.98 9.64
C ALA C 592 -27.56 -10.76 8.41
N HIS C 593 -26.26 -10.99 8.28
CA HIS C 593 -25.72 -11.62 7.08
C HIS C 593 -25.61 -13.13 7.19
N GLY C 594 -25.77 -13.69 8.38
CA GLY C 594 -25.77 -15.15 8.53
C GLY C 594 -24.40 -15.79 8.49
N LEU C 595 -23.37 -15.07 8.92
CA LEU C 595 -22.01 -15.57 8.96
C LEU C 595 -21.66 -16.04 10.37
N THR C 596 -20.79 -17.03 10.46
CA THR C 596 -20.38 -17.52 11.78
C THR C 596 -19.23 -16.65 12.32
N PRO C 597 -19.05 -16.62 13.64
CA PRO C 597 -17.89 -15.91 14.20
C PRO C 597 -16.58 -16.33 13.58
N GLU C 598 -16.44 -17.60 13.21
CA GLU C 598 -15.21 -18.06 12.58
C GLU C 598 -15.00 -17.40 11.22
N GLN C 599 -16.08 -17.21 10.46
CA GLN C 599 -15.97 -16.56 9.16
C GLN C 599 -15.59 -15.08 9.32
N VAL C 600 -16.10 -14.43 10.37
CA VAL C 600 -15.74 -13.04 10.63
C VAL C 600 -14.28 -12.91 11.00
N VAL C 601 -13.79 -13.82 11.86
CA VAL C 601 -12.37 -13.80 12.23
C VAL C 601 -11.50 -14.09 11.02
N ALA C 602 -11.90 -15.08 10.21
CA ALA C 602 -11.11 -15.43 9.02
C ALA C 602 -10.91 -14.22 8.12
N ILE C 603 -11.94 -13.37 7.99
CA ILE C 603 -11.79 -12.14 7.22
C ILE C 603 -10.91 -11.15 7.98
N ALA C 604 -11.18 -10.98 9.28
CA ALA C 604 -10.42 -10.00 10.07
C ALA C 604 -8.92 -10.29 10.10
N SER C 605 -8.52 -11.55 10.08
CA SER C 605 -7.10 -11.90 10.19
C SER C 605 -6.38 -11.73 8.85
N ASN C 606 -6.29 -10.48 8.42
CA ASN C 606 -5.58 -10.13 7.20
C ASN C 606 -4.99 -8.74 7.36
N ILE C 607 -4.27 -8.30 6.32
CA ILE C 607 -3.70 -6.96 6.32
C ILE C 607 -4.78 -5.92 6.12
N GLY C 608 -5.65 -6.11 5.13
CA GLY C 608 -6.78 -5.22 4.95
C GLY C 608 -7.99 -5.68 5.73
N GLY C 609 -7.77 -6.01 7.01
CA GLY C 609 -8.84 -6.62 7.79
C GLY C 609 -10.07 -5.74 7.91
N LYS C 610 -9.89 -4.49 8.36
CA LYS C 610 -11.03 -3.58 8.49
C LYS C 610 -11.73 -3.39 7.15
N GLN C 611 -10.95 -3.30 6.07
CA GLN C 611 -11.52 -3.01 4.77
C GLN C 611 -12.36 -4.17 4.25
N ALA C 612 -11.85 -5.40 4.39
CA ALA C 612 -12.60 -6.56 3.95
C ALA C 612 -13.84 -6.77 4.82
N LEU C 613 -13.74 -6.50 6.13
CA LEU C 613 -14.88 -6.68 7.00
C LEU C 613 -16.02 -5.72 6.65
N GLU C 614 -15.70 -4.45 6.43
CA GLU C 614 -16.74 -3.48 6.12
C GLU C 614 -17.28 -3.68 4.72
N THR C 615 -16.41 -4.08 3.78
CA THR C 615 -16.86 -4.30 2.41
C THR C 615 -17.83 -5.48 2.33
N VAL C 616 -17.56 -6.56 3.07
CA VAL C 616 -18.49 -7.69 3.06
C VAL C 616 -19.84 -7.26 3.60
N GLN C 617 -19.84 -6.48 4.69
CA GLN C 617 -21.10 -5.97 5.22
C GLN C 617 -21.93 -5.29 4.13
N ARG C 618 -21.30 -4.52 3.26
CA ARG C 618 -22.04 -3.80 2.22
C ARG C 618 -22.31 -4.65 0.99
N LEU C 619 -21.36 -5.46 0.55
CA LEU C 619 -21.44 -6.13 -0.73
C LEU C 619 -22.00 -7.55 -0.68
N LEU C 620 -21.94 -8.22 0.48
CA LEU C 620 -22.43 -9.60 0.53
C LEU C 620 -23.85 -9.75 0.02
N PRO C 621 -24.84 -8.96 0.46
CA PRO C 621 -26.19 -9.13 -0.09
C PRO C 621 -26.29 -8.71 -1.55
N VAL C 622 -25.37 -7.88 -2.03
CA VAL C 622 -25.39 -7.47 -3.43
C VAL C 622 -24.81 -8.56 -4.32
N LEU C 623 -23.68 -9.14 -3.93
CA LEU C 623 -23.14 -10.26 -4.71
C LEU C 623 -24.08 -11.45 -4.68
N CYS C 624 -24.70 -11.73 -3.53
CA CYS C 624 -25.59 -12.88 -3.45
C CYS C 624 -26.84 -12.69 -4.29
N GLN C 625 -27.45 -11.51 -4.25
CA GLN C 625 -28.69 -11.29 -4.98
C GLN C 625 -28.48 -10.87 -6.43
N ALA C 626 -27.40 -10.16 -6.74
CA ALA C 626 -27.19 -9.71 -8.11
C ALA C 626 -26.50 -10.75 -8.97
N HIS C 627 -25.54 -11.49 -8.42
CA HIS C 627 -24.72 -12.41 -9.20
C HIS C 627 -24.86 -13.86 -8.77
N GLY C 628 -25.65 -14.14 -7.73
CA GLY C 628 -25.91 -15.52 -7.32
C GLY C 628 -24.75 -16.17 -6.57
N LEU C 629 -24.00 -15.39 -5.82
CA LEU C 629 -22.91 -15.88 -5.00
C LEU C 629 -23.45 -16.37 -3.67
N THR C 630 -22.81 -17.39 -3.10
CA THR C 630 -23.17 -17.84 -1.77
C THR C 630 -22.39 -17.03 -0.72
N PRO C 631 -22.91 -16.93 0.50
CA PRO C 631 -22.13 -16.28 1.57
C PRO C 631 -20.73 -16.85 1.71
N GLU C 632 -20.56 -18.15 1.48
CA GLU C 632 -19.23 -18.74 1.58
C GLU C 632 -18.30 -18.20 0.52
N GLN C 633 -18.80 -17.96 -0.70
CA GLN C 633 -17.96 -17.41 -1.75
C GLN C 633 -17.55 -15.98 -1.46
N VAL C 634 -18.48 -15.19 -0.90
CA VAL C 634 -18.15 -13.81 -0.54
C VAL C 634 -17.08 -13.78 0.55
N VAL C 635 -17.20 -14.67 1.55
CA VAL C 635 -16.19 -14.76 2.59
C VAL C 635 -14.87 -15.24 1.98
N ALA C 636 -14.92 -16.23 1.10
CA ALA C 636 -13.70 -16.74 0.48
C ALA C 636 -12.94 -15.64 -0.23
N ILE C 637 -13.65 -14.75 -0.93
CA ILE C 637 -13.00 -13.61 -1.57
C ILE C 637 -12.46 -12.64 -0.52
N ALA C 638 -13.27 -12.34 0.50
CA ALA C 638 -12.87 -11.42 1.54
C ALA C 638 -11.68 -11.91 2.36
N SER C 639 -11.57 -13.22 2.59
CA SER C 639 -10.56 -13.72 3.52
C SER C 639 -9.21 -13.87 2.85
N ASN C 640 -8.63 -12.76 2.41
CA ASN C 640 -7.30 -12.77 1.81
C ASN C 640 -6.75 -11.35 1.86
N ILE C 641 -5.52 -11.19 1.35
CA ILE C 641 -4.92 -9.87 1.29
C ILE C 641 -5.42 -9.16 0.03
N GLY C 642 -5.94 -7.96 0.20
CA GLY C 642 -6.62 -7.29 -0.89
C GLY C 642 -8.06 -7.72 -1.03
N GLY C 643 -8.68 -8.17 0.06
CA GLY C 643 -10.05 -8.64 0.01
C GLY C 643 -11.04 -7.61 -0.47
N LYS C 644 -10.95 -6.37 0.02
CA LYS C 644 -11.83 -5.31 -0.45
C LYS C 644 -11.72 -5.14 -1.96
N GLN C 645 -10.49 -5.20 -2.48
CA GLN C 645 -10.27 -4.96 -3.90
C GLN C 645 -10.87 -6.09 -4.73
N ALA C 646 -10.71 -7.33 -4.28
CA ALA C 646 -11.29 -8.47 -5.00
C ALA C 646 -12.82 -8.44 -4.93
N LEU C 647 -13.37 -8.05 -3.78
CA LEU C 647 -14.83 -8.03 -3.63
C LEU C 647 -15.46 -7.04 -4.59
N GLU C 648 -14.91 -5.83 -4.69
CA GLU C 648 -15.48 -4.83 -5.58
C GLU C 648 -15.26 -5.20 -7.03
N THR C 649 -14.09 -5.77 -7.35
CA THR C 649 -13.77 -6.12 -8.72
C THR C 649 -14.70 -7.21 -9.24
N VAL C 650 -14.99 -8.21 -8.43
CA VAL C 650 -15.92 -9.26 -8.84
C VAL C 650 -17.30 -8.66 -9.10
N GLN C 651 -17.76 -7.79 -8.20
CA GLN C 651 -19.03 -7.13 -8.43
C GLN C 651 -19.02 -6.32 -9.72
N ARG C 652 -17.87 -5.74 -10.06
CA ARG C 652 -17.81 -4.86 -11.22
C ARG C 652 -17.68 -5.62 -12.52
N LEU C 653 -16.81 -6.63 -12.57
CA LEU C 653 -16.42 -7.27 -13.82
C LEU C 653 -17.23 -8.50 -14.16
N LEU C 654 -17.92 -9.12 -13.20
CA LEU C 654 -18.68 -10.32 -13.52
C LEU C 654 -19.58 -10.14 -14.74
N PRO C 655 -20.32 -9.04 -14.90
CA PRO C 655 -21.16 -8.92 -16.11
C PRO C 655 -20.41 -9.22 -17.41
N VAL C 656 -19.32 -8.49 -17.67
CA VAL C 656 -18.64 -8.65 -18.95
C VAL C 656 -17.87 -9.96 -19.00
N LEU C 657 -17.31 -10.39 -17.87
CA LEU C 657 -16.53 -11.62 -17.86
C LEU C 657 -17.37 -12.83 -18.18
N CYS C 658 -18.63 -12.86 -17.76
CA CYS C 658 -19.49 -14.03 -17.98
C CYS C 658 -20.35 -13.87 -19.23
N GLN C 659 -20.93 -12.68 -19.41
CA GLN C 659 -21.88 -12.49 -20.50
C GLN C 659 -21.20 -12.28 -21.84
N ALA C 660 -20.02 -11.65 -21.82
CA ALA C 660 -19.33 -11.35 -23.08
C ALA C 660 -18.21 -12.34 -23.36
N HIS C 661 -17.40 -12.67 -22.35
CA HIS C 661 -16.24 -13.53 -22.54
C HIS C 661 -16.50 -14.99 -22.17
N GLY C 662 -17.69 -15.31 -21.65
CA GLY C 662 -18.09 -16.69 -21.47
C GLY C 662 -17.42 -17.44 -20.35
N LEU C 663 -17.02 -16.73 -19.29
CA LEU C 663 -16.37 -17.33 -18.14
C LEU C 663 -17.43 -17.70 -17.10
N THR C 664 -17.21 -18.78 -16.38
CA THR C 664 -18.17 -19.22 -15.39
C THR C 664 -18.05 -18.36 -14.12
N PRO C 665 -19.17 -17.89 -13.56
CA PRO C 665 -19.09 -17.08 -12.34
C PRO C 665 -18.23 -17.70 -11.26
N GLU C 666 -18.26 -19.04 -11.14
CA GLU C 666 -17.44 -19.70 -10.13
C GLU C 666 -15.96 -19.53 -10.44
N GLN C 667 -15.59 -19.46 -11.72
CA GLN C 667 -14.20 -19.31 -12.09
C GLN C 667 -13.70 -17.89 -11.82
N VAL C 668 -14.58 -16.90 -11.99
CA VAL C 668 -14.24 -15.53 -11.62
C VAL C 668 -14.04 -15.42 -10.12
N VAL C 669 -14.90 -16.07 -9.34
CA VAL C 669 -14.71 -16.10 -7.89
C VAL C 669 -13.41 -16.80 -7.53
N ALA C 670 -13.12 -17.93 -8.19
CA ALA C 670 -11.88 -18.65 -7.91
C ALA C 670 -10.67 -17.75 -8.10
N ILE C 671 -10.67 -16.93 -9.15
CA ILE C 671 -9.60 -15.96 -9.33
C ILE C 671 -9.57 -14.96 -8.20
N ALA C 672 -10.74 -14.41 -7.86
CA ALA C 672 -10.83 -13.43 -6.77
C ALA C 672 -10.48 -14.01 -5.41
N SER C 673 -10.59 -15.33 -5.23
CA SER C 673 -10.31 -15.91 -3.93
C SER C 673 -8.83 -15.85 -3.58
N ASN C 674 -7.97 -15.56 -4.54
CA ASN C 674 -6.55 -15.49 -4.30
C ASN C 674 -6.14 -14.06 -3.94
N GLY C 675 -5.00 -13.95 -3.24
CA GLY C 675 -4.45 -12.64 -2.98
C GLY C 675 -4.10 -11.92 -4.27
N GLY C 676 -4.39 -10.62 -4.30
CA GLY C 676 -4.26 -9.87 -5.53
C GLY C 676 -5.36 -10.19 -6.53
N GLY C 677 -6.56 -10.47 -6.03
CA GLY C 677 -7.64 -10.90 -6.89
C GLY C 677 -7.98 -9.90 -7.98
N ARG C 678 -7.91 -8.61 -7.66
CA ARG C 678 -8.30 -7.59 -8.64
C ARG C 678 -7.31 -7.48 -9.79
N PRO C 679 -6.01 -7.24 -9.58
CA PRO C 679 -5.09 -7.25 -10.72
C PRO C 679 -5.25 -8.46 -11.62
N ALA C 680 -5.51 -9.63 -11.05
CA ALA C 680 -5.67 -10.83 -11.86
C ALA C 680 -6.89 -10.72 -12.77
N LEU C 681 -8.00 -10.20 -12.24
CA LEU C 681 -9.21 -10.07 -13.05
C LEU C 681 -9.09 -8.91 -14.02
N GLU C 682 -8.40 -7.85 -13.63
CA GLU C 682 -8.20 -6.72 -14.53
C GLU C 682 -7.29 -7.08 -15.69
N ALA C 683 -6.21 -7.84 -15.41
CA ALA C 683 -5.35 -8.31 -16.48
C ALA C 683 -6.09 -9.27 -17.40
N LEU C 684 -6.95 -10.12 -16.83
CA LEU C 684 -7.75 -11.00 -17.66
C LEU C 684 -8.74 -10.22 -18.51
N HIS C 685 -9.38 -9.20 -17.92
CA HIS C 685 -10.27 -8.34 -18.69
C HIS C 685 -9.52 -7.64 -19.82
N ALA C 686 -8.37 -7.05 -19.52
CA ALA C 686 -7.66 -6.26 -20.51
C ALA C 686 -7.25 -7.11 -21.70
N VAL C 687 -6.73 -8.32 -21.43
CA VAL C 687 -6.25 -9.16 -22.52
C VAL C 687 -7.42 -9.73 -23.32
N LEU C 688 -8.55 -9.96 -22.66
CA LEU C 688 -9.73 -10.45 -23.37
C LEU C 688 -10.46 -9.34 -24.11
N THR C 689 -10.28 -8.08 -23.71
CA THR C 689 -10.94 -6.97 -24.38
C THR C 689 -10.12 -6.43 -25.55
N ASP C 690 -8.82 -6.19 -25.34
CA ASP C 690 -8.00 -5.53 -26.35
C ASP C 690 -7.00 -6.47 -27.00
N GLY C 691 -7.13 -7.78 -26.81
CA GLY C 691 -6.17 -8.72 -27.35
C GLY C 691 -6.57 -9.23 -28.72
N SER C 692 -5.57 -9.79 -29.42
CA SER C 692 -5.81 -10.43 -30.70
C SER C 692 -6.40 -11.82 -30.48
N ALA C 693 -6.83 -12.45 -31.57
CA ALA C 693 -7.40 -13.78 -31.48
C ALA C 693 -6.44 -14.75 -30.80
N GLN C 694 -5.14 -14.61 -31.09
CA GLN C 694 -4.15 -15.48 -30.46
C GLN C 694 -4.03 -15.18 -28.96
N GLU C 695 -4.13 -13.90 -28.58
CA GLU C 695 -4.01 -13.54 -27.17
C GLU C 695 -5.25 -13.95 -26.39
N ARG C 696 -6.42 -13.83 -27.01
CA ARG C 696 -7.66 -14.22 -26.33
C ARG C 696 -7.77 -15.73 -26.23
N LEU C 697 -7.28 -16.45 -27.23
CA LEU C 697 -7.29 -17.90 -27.17
C LEU C 697 -6.44 -18.41 -26.02
N ARG C 698 -5.22 -17.89 -25.89
CA ARG C 698 -4.36 -18.31 -24.78
C ARG C 698 -4.96 -17.91 -23.44
N ALA C 699 -5.47 -16.68 -23.34
CA ALA C 699 -6.02 -16.21 -22.07
C ALA C 699 -7.22 -17.05 -21.64
N LEU C 700 -8.15 -17.31 -22.57
CA LEU C 700 -9.35 -18.04 -22.22
C LEU C 700 -9.04 -19.51 -21.91
N GLN C 701 -8.17 -20.12 -22.69
CA GLN C 701 -7.86 -21.54 -22.49
C GLN C 701 -7.11 -21.77 -21.19
N GLU C 702 -6.14 -20.92 -20.87
CA GLU C 702 -5.37 -21.11 -19.64
C GLU C 702 -6.22 -20.88 -18.41
N VAL C 703 -7.12 -19.90 -18.45
CA VAL C 703 -7.91 -19.57 -17.27
C VAL C 703 -9.17 -20.43 -17.16
N ALA C 704 -9.82 -20.75 -18.27
CA ALA C 704 -11.09 -21.48 -18.25
C ALA C 704 -10.87 -22.99 -18.29
N GLY C 705 -9.96 -23.45 -19.13
CA GLY C 705 -9.72 -24.87 -19.30
C GLY C 705 -10.69 -25.47 -20.30
N PHE C 706 -10.18 -25.85 -21.47
CA PHE C 706 -10.95 -26.60 -22.45
C PHE C 706 -10.02 -27.09 -23.54
N PRO C 707 -10.35 -28.20 -24.20
CA PRO C 707 -9.61 -28.59 -25.41
C PRO C 707 -9.97 -27.67 -26.58
N VAL C 708 -9.01 -27.53 -27.50
CA VAL C 708 -9.19 -26.73 -28.70
C VAL C 708 -8.91 -27.63 -29.91
N ILE C 709 -9.86 -27.66 -30.85
CA ILE C 709 -9.76 -28.47 -32.04
C ILE C 709 -9.44 -27.56 -33.22
N TYR C 710 -8.32 -27.83 -33.90
CA TYR C 710 -7.87 -27.02 -35.01
C TYR C 710 -8.58 -27.42 -36.30
N THR C 711 -8.91 -26.41 -37.11
CA THR C 711 -9.73 -26.59 -38.31
C THR C 711 -8.88 -26.89 -39.54
N GLU C 712 -7.57 -27.00 -39.40
CA GLU C 712 -6.73 -27.31 -40.55
C GLU C 712 -7.17 -28.60 -41.23
N ASN C 713 -7.67 -29.56 -40.45
CA ASN C 713 -8.24 -30.79 -40.98
C ASN C 713 -9.72 -30.56 -41.25
N ILE C 714 -10.09 -30.55 -42.53
CA ILE C 714 -11.46 -30.27 -42.94
C ILE C 714 -12.13 -31.52 -43.52
N ASP C 715 -11.70 -32.71 -43.11
CA ASP C 715 -12.40 -33.93 -43.47
C ASP C 715 -13.76 -34.00 -42.78
N GLU C 716 -14.69 -34.73 -43.41
CA GLU C 716 -16.04 -34.85 -42.87
C GLU C 716 -16.06 -35.53 -41.51
N LYS C 717 -15.14 -36.47 -41.26
CA LYS C 717 -15.16 -37.20 -40.01
C LYS C 717 -14.95 -36.28 -38.81
N THR C 718 -13.98 -35.37 -38.91
CA THR C 718 -13.69 -34.49 -37.78
C THR C 718 -14.70 -33.35 -37.70
N LEU C 719 -15.21 -32.92 -38.86
CA LEU C 719 -16.22 -31.86 -38.85
C LEU C 719 -17.52 -32.35 -38.22
N GLU C 720 -17.88 -33.61 -38.50
CA GLU C 720 -19.03 -34.19 -37.81
C GLU C 720 -18.78 -34.36 -36.32
N THR C 721 -17.55 -34.72 -35.92
CA THR C 721 -17.24 -34.84 -34.50
C THR C 721 -17.55 -33.55 -33.75
N ILE C 722 -17.16 -32.41 -34.33
CA ILE C 722 -17.47 -31.13 -33.68
C ILE C 722 -18.98 -30.92 -33.55
N GLU C 723 -19.75 -31.16 -34.61
CA GLU C 723 -21.20 -30.96 -34.52
C GLU C 723 -21.80 -31.86 -33.45
N LYS C 724 -21.36 -33.12 -33.38
CA LYS C 724 -21.90 -34.06 -32.42
C LYS C 724 -21.54 -33.66 -30.99
N LEU C 725 -20.29 -33.26 -30.77
CA LEU C 725 -19.88 -32.86 -29.43
C LEU C 725 -20.68 -31.67 -28.94
N ILE C 726 -20.96 -30.71 -29.83
CA ILE C 726 -21.73 -29.53 -29.44
C ILE C 726 -23.16 -29.90 -29.10
N LYS C 727 -23.80 -30.69 -29.96
CA LYS C 727 -25.20 -31.05 -29.73
C LYS C 727 -25.38 -31.79 -28.40
N LYS C 728 -24.42 -32.62 -28.02
CA LYS C 728 -24.47 -33.37 -26.77
C LYS C 728 -24.38 -32.47 -25.55
N GLU C 729 -23.79 -31.28 -25.68
CA GLU C 729 -23.63 -30.38 -24.55
C GLU C 729 -24.66 -29.26 -24.52
N ALA C 730 -25.24 -28.88 -25.66
CA ALA C 730 -26.19 -27.77 -25.77
C ALA C 730 -25.60 -26.49 -25.21
N PRO C 731 -24.47 -26.02 -25.74
CA PRO C 731 -23.92 -24.73 -25.26
C PRO C 731 -24.94 -23.62 -25.37
N GLY C 732 -24.87 -22.68 -24.43
CA GLY C 732 -25.79 -21.56 -24.42
C GLY C 732 -25.40 -20.39 -25.30
N LYS C 733 -24.11 -20.19 -25.52
CA LYS C 733 -23.63 -19.07 -26.33
C LYS C 733 -22.61 -19.55 -27.33
N TYR C 734 -22.64 -18.97 -28.53
CA TYR C 734 -21.66 -19.22 -29.58
C TYR C 734 -21.06 -17.89 -30.00
N ARG C 735 -19.74 -17.83 -30.12
CA ARG C 735 -19.04 -16.59 -30.42
C ARG C 735 -18.02 -16.81 -31.50
N LEU C 736 -17.86 -15.82 -32.38
CA LEU C 736 -16.84 -15.80 -33.42
C LEU C 736 -15.82 -14.73 -33.09
N VAL C 737 -14.55 -15.11 -33.06
CA VAL C 737 -13.46 -14.21 -32.71
C VAL C 737 -12.62 -13.95 -33.96
N ARG C 738 -12.61 -12.71 -34.42
CA ARG C 738 -11.89 -12.35 -35.62
C ARG C 738 -10.40 -12.18 -35.32
N PRO C 739 -9.55 -12.23 -36.35
CA PRO C 739 -8.11 -12.10 -36.10
C PRO C 739 -7.74 -10.85 -35.32
N ASP C 740 -8.51 -9.77 -35.49
CA ASP C 740 -8.18 -8.49 -34.85
C ASP C 740 -8.68 -8.42 -33.41
N GLY C 741 -9.26 -9.49 -32.88
CA GLY C 741 -9.67 -9.56 -31.51
C GLY C 741 -11.14 -9.29 -31.28
N SER C 742 -11.84 -8.72 -32.26
CA SER C 742 -13.26 -8.44 -32.09
C SER C 742 -14.07 -9.73 -32.07
N VAL C 743 -15.21 -9.68 -31.41
CA VAL C 743 -16.06 -10.85 -31.20
C VAL C 743 -17.47 -10.51 -31.64
N GLU C 744 -18.15 -11.48 -32.28
CA GLU C 744 -19.54 -11.34 -32.67
C GLU C 744 -20.35 -12.51 -32.13
N GLU C 745 -21.62 -12.24 -31.83
CA GLU C 745 -22.55 -13.30 -31.47
C GLU C 745 -23.07 -13.97 -32.73
N VAL C 746 -22.93 -15.30 -32.80
CA VAL C 746 -23.27 -16.06 -33.99
C VAL C 746 -24.13 -17.26 -33.60
N SER C 747 -24.74 -17.87 -34.61
CA SER C 747 -25.46 -19.11 -34.45
C SER C 747 -24.52 -20.31 -34.62
N LEU C 748 -24.99 -21.48 -34.20
CA LEU C 748 -24.24 -22.71 -34.41
C LEU C 748 -24.08 -23.02 -35.89
N GLU C 749 -25.14 -22.82 -36.67
CA GLU C 749 -25.10 -23.15 -38.09
C GLU C 749 -24.02 -22.36 -38.80
N GLU C 750 -23.87 -21.08 -38.45
CA GLU C 750 -22.82 -20.27 -39.05
C GLU C 750 -21.44 -20.83 -38.75
N LEU C 751 -21.19 -21.19 -37.49
CA LEU C 751 -19.88 -21.73 -37.13
C LEU C 751 -19.61 -23.06 -37.82
N LEU C 752 -20.64 -23.90 -37.94
CA LEU C 752 -20.45 -25.20 -38.57
C LEU C 752 -20.01 -25.06 -40.01
N GLU C 753 -20.51 -24.03 -40.71
CA GLU C 753 -20.04 -23.74 -42.05
C GLU C 753 -18.62 -23.19 -42.03
N ARG C 754 -18.33 -22.29 -41.08
CA ARG C 754 -17.02 -21.64 -41.07
C ARG C 754 -15.90 -22.64 -40.79
N ILE C 755 -16.14 -23.60 -39.89
CA ILE C 755 -15.07 -24.53 -39.54
C ILE C 755 -14.72 -25.43 -40.72
N LYS C 756 -15.66 -25.60 -41.66
CA LYS C 756 -15.34 -26.40 -42.84
C LYS C 756 -14.55 -25.60 -43.86
N GLU C 757 -14.95 -24.36 -44.13
CA GLU C 757 -14.31 -23.53 -45.14
C GLU C 757 -13.04 -22.84 -44.67
N ASN C 758 -12.94 -22.49 -43.38
CA ASN C 758 -11.82 -21.71 -42.87
C ASN C 758 -10.82 -22.66 -42.22
N ASN C 759 -9.71 -22.91 -42.93
CA ASN C 759 -8.71 -23.86 -42.45
C ASN C 759 -7.60 -23.14 -41.67
N SER C 760 -7.84 -21.90 -41.27
CA SER C 760 -6.91 -21.15 -40.43
C SER C 760 -7.65 -20.67 -39.19
N ALA C 761 -8.08 -21.63 -38.36
CA ALA C 761 -8.98 -21.34 -37.25
C ALA C 761 -8.88 -22.47 -36.24
N ALA C 762 -9.46 -22.24 -35.07
CA ALA C 762 -9.44 -23.20 -33.97
C ALA C 762 -10.76 -23.12 -33.24
N ILE C 763 -11.27 -24.27 -32.79
CA ILE C 763 -12.57 -24.38 -32.15
C ILE C 763 -12.30 -24.65 -30.68
N ALA C 764 -12.85 -23.80 -29.81
CA ALA C 764 -12.71 -23.94 -28.37
C ALA C 764 -14.04 -24.37 -27.77
N LEU C 765 -14.07 -25.57 -27.20
CA LEU C 765 -15.30 -26.14 -26.67
C LEU C 765 -15.27 -26.10 -25.14
N GLY C 766 -15.92 -25.08 -24.58
CA GLY C 766 -15.94 -24.89 -23.15
C GLY C 766 -17.04 -25.69 -22.49
N PRO C 767 -16.68 -26.60 -21.58
CA PRO C 767 -17.69 -27.43 -20.92
C PRO C 767 -18.77 -26.63 -20.23
N SER C 768 -18.53 -25.36 -19.94
CA SER C 768 -19.52 -24.51 -19.28
C SER C 768 -20.68 -24.16 -20.20
N GLY C 769 -20.55 -24.50 -21.48
CA GLY C 769 -21.59 -24.18 -22.44
C GLY C 769 -21.26 -22.99 -23.30
N ASN C 770 -19.98 -22.79 -23.58
CA ASN C 770 -19.52 -21.65 -24.37
C ASN C 770 -18.56 -22.13 -25.45
N VAL C 771 -18.91 -21.86 -26.70
CA VAL C 771 -18.11 -22.29 -27.84
C VAL C 771 -17.58 -21.05 -28.56
N TRP C 772 -16.26 -21.01 -28.74
CA TRP C 772 -15.60 -19.98 -29.54
C TRP C 772 -15.06 -20.59 -30.82
N LEU C 773 -15.01 -19.77 -31.87
CA LEU C 773 -14.20 -20.06 -33.05
C LEU C 773 -13.21 -18.93 -33.27
N PHE C 774 -11.92 -19.25 -33.20
CA PHE C 774 -10.86 -18.27 -33.34
C PHE C 774 -10.31 -18.33 -34.76
N GLU C 775 -10.15 -17.17 -35.38
CA GLU C 775 -9.52 -17.05 -36.69
C GLU C 775 -8.18 -16.36 -36.54
N GLY C 776 -7.27 -16.69 -37.46
CA GLY C 776 -6.04 -15.94 -37.59
C GLY C 776 -5.03 -16.19 -36.50
N ILE C 777 -4.97 -17.40 -35.97
CA ILE C 777 -4.06 -17.71 -34.89
C ILE C 777 -2.81 -18.38 -35.46
N ASP C 778 -1.86 -18.70 -34.57
CA ASP C 778 -0.59 -19.27 -34.98
C ASP C 778 -0.71 -20.73 -35.40
N HIS C 779 -1.61 -21.50 -34.78
CA HIS C 779 -1.80 -22.93 -35.02
C HIS C 779 -0.53 -23.71 -34.70
N SER C 780 0.25 -23.23 -33.73
CA SER C 780 1.53 -23.84 -33.40
C SER C 780 1.78 -23.79 -31.90
N LEU C 781 2.99 -24.15 -31.49
CA LEU C 781 3.36 -24.19 -30.08
C LEU C 781 4.34 -23.07 -29.80
N PRO C 782 3.96 -22.10 -28.96
CA PRO C 782 4.91 -21.03 -28.60
C PRO C 782 6.15 -21.56 -27.91
N GLU C 783 7.25 -20.82 -27.98
CA GLU C 783 8.47 -21.19 -27.28
C GLU C 783 8.21 -21.27 -25.78
N TYR C 784 8.92 -22.21 -25.13
CA TYR C 784 8.76 -22.47 -23.70
C TYR C 784 9.33 -21.30 -22.91
N ASP C 785 8.45 -20.62 -22.18
CA ASP C 785 8.84 -19.40 -21.49
C ASP C 785 8.91 -19.59 -19.98
N GLY C 786 8.97 -20.84 -19.54
CA GLY C 786 9.08 -21.18 -18.13
C GLY C 786 7.80 -21.17 -17.32
N THR C 787 6.65 -21.19 -17.98
CA THR C 787 5.37 -21.15 -17.31
C THR C 787 4.40 -22.04 -18.09
N THR C 788 3.11 -21.82 -17.88
CA THR C 788 2.07 -22.60 -18.55
C THR C 788 2.41 -22.83 -20.00
N THR C 789 2.48 -24.09 -20.40
CA THR C 789 2.95 -24.44 -21.72
C THR C 789 1.81 -24.99 -22.58
N HIS C 790 2.13 -25.43 -23.79
CA HIS C 790 1.16 -25.87 -24.77
C HIS C 790 1.59 -27.22 -25.34
N GLY C 791 0.62 -27.98 -25.82
CA GLY C 791 0.90 -29.13 -26.65
C GLY C 791 -0.27 -29.42 -27.57
N VAL C 792 -0.04 -30.37 -28.47
CA VAL C 792 -1.04 -30.75 -29.47
C VAL C 792 -1.12 -32.27 -29.51
N LEU C 793 -2.33 -32.80 -29.57
CA LEU C 793 -2.58 -34.22 -29.72
C LEU C 793 -3.09 -34.51 -31.14
N VAL C 794 -2.35 -35.34 -31.86
CA VAL C 794 -2.63 -35.62 -33.26
C VAL C 794 -3.17 -37.05 -33.35
N LEU C 795 -4.37 -37.18 -33.90
CA LEU C 795 -5.03 -38.48 -33.98
C LEU C 795 -4.79 -39.12 -35.34
N ASP C 796 -5.21 -40.38 -35.45
CA ASP C 796 -4.96 -41.14 -36.67
C ASP C 796 -5.62 -40.47 -37.87
N ASP C 797 -6.78 -39.85 -37.65
CA ASP C 797 -7.57 -39.28 -38.74
C ASP C 797 -7.14 -37.84 -39.01
N GLY C 798 -6.06 -37.41 -38.36
CA GLY C 798 -5.49 -36.10 -38.57
C GLY C 798 -6.02 -35.01 -37.67
N THR C 799 -6.98 -35.31 -36.80
CA THR C 799 -7.52 -34.32 -35.88
C THR C 799 -6.43 -33.87 -34.91
N GLN C 800 -6.31 -32.56 -34.71
CA GLN C 800 -5.31 -32.00 -33.82
C GLN C 800 -5.99 -31.23 -32.70
N ILE C 801 -5.69 -31.64 -31.46
CA ILE C 801 -6.31 -31.08 -30.27
C ILE C 801 -5.23 -30.37 -29.47
N GLY C 802 -5.44 -29.09 -29.24
CA GLY C 802 -4.54 -28.30 -28.42
C GLY C 802 -4.92 -28.36 -26.95
N PHE C 803 -3.89 -28.40 -26.11
CA PHE C 803 -4.04 -28.40 -24.66
C PHE C 803 -3.10 -27.36 -24.07
N THR C 804 -3.48 -26.82 -22.92
CA THR C 804 -2.57 -26.07 -22.07
C THR C 804 -2.38 -26.80 -20.75
N SER C 805 -1.25 -26.52 -20.11
CA SER C 805 -1.03 -27.01 -18.76
C SER C 805 -1.75 -26.15 -17.74
N GLY C 806 -1.85 -26.67 -16.52
CA GLY C 806 -2.36 -25.88 -15.42
C GLY C 806 -3.69 -26.35 -14.89
N ASN C 807 -4.76 -25.66 -15.27
CA ASN C 807 -6.09 -25.97 -14.74
C ASN C 807 -6.55 -27.36 -15.13
N GLY C 808 -6.53 -28.28 -14.16
CA GLY C 808 -6.72 -29.69 -14.41
C GLY C 808 -8.14 -30.14 -14.15
N ASP C 809 -8.31 -31.45 -14.01
CA ASP C 809 -9.63 -32.04 -13.84
C ASP C 809 -9.89 -32.29 -12.36
N PRO C 810 -10.86 -31.62 -11.74
CA PRO C 810 -11.09 -31.80 -10.30
C PRO C 810 -11.24 -33.25 -9.89
N ARG C 811 -11.76 -34.11 -10.76
CA ARG C 811 -11.96 -35.52 -10.42
C ARG C 811 -10.65 -36.26 -10.17
N TYR C 812 -9.51 -35.74 -10.63
CA TYR C 812 -8.23 -36.43 -10.50
C TYR C 812 -7.23 -35.57 -9.75
N THR C 813 -7.72 -34.67 -8.89
CA THR C 813 -6.84 -33.79 -8.13
C THR C 813 -5.74 -34.58 -7.41
N ASN C 814 -6.05 -35.78 -6.93
CA ASN C 814 -5.09 -36.54 -6.13
C ASN C 814 -3.93 -37.07 -6.96
N TYR C 815 -3.97 -36.92 -8.28
CA TYR C 815 -2.89 -37.39 -9.14
C TYR C 815 -1.88 -36.27 -9.37
N ARG C 816 -0.61 -36.58 -9.17
CA ARG C 816 0.46 -35.58 -9.26
C ARG C 816 0.82 -35.24 -10.70
N ASN C 817 0.19 -35.90 -11.67
CA ASN C 817 0.32 -35.56 -13.08
C ASN C 817 -0.88 -34.77 -13.58
N ASN C 818 -1.81 -34.44 -12.69
CA ASN C 818 -2.99 -33.69 -13.09
C ASN C 818 -2.61 -32.28 -13.53
N GLY C 819 -3.12 -31.90 -14.70
CA GLY C 819 -2.87 -30.61 -15.29
C GLY C 819 -1.74 -30.57 -16.29
N HIS C 820 -1.18 -31.74 -16.63
CA HIS C 820 -0.07 -31.85 -17.61
C HIS C 820 -0.63 -32.20 -18.98
N VAL C 821 0.03 -31.75 -20.06
CA VAL C 821 -0.42 -32.02 -21.41
C VAL C 821 -0.60 -33.51 -21.65
N ALA C 822 0.37 -34.33 -21.20
CA ALA C 822 0.24 -35.77 -21.37
C ALA C 822 -0.97 -36.31 -20.61
N GLN C 823 -1.27 -35.73 -19.44
CA GLN C 823 -2.43 -36.22 -18.69
C GLN C 823 -3.73 -35.79 -19.37
N LYS C 824 -3.82 -34.55 -19.84
CA LYS C 824 -5.03 -34.12 -20.52
C LYS C 824 -5.24 -34.91 -21.81
N SER C 825 -4.14 -35.25 -22.49
CA SER C 825 -4.25 -36.03 -23.71
C SER C 825 -4.73 -37.46 -23.41
N ALA C 826 -4.17 -38.08 -22.38
CA ALA C 826 -4.57 -39.44 -22.02
C ALA C 826 -6.03 -39.48 -21.59
N LEU C 827 -6.46 -38.48 -20.82
CA LEU C 827 -7.86 -38.40 -20.40
C LEU C 827 -8.77 -38.06 -21.57
N TYR C 828 -8.33 -37.17 -22.45
CA TYR C 828 -9.09 -36.90 -23.66
C TYR C 828 -9.34 -38.19 -24.43
N MET C 829 -8.29 -39.00 -24.61
CA MET C 829 -8.44 -40.27 -25.32
C MET C 829 -9.43 -41.19 -24.62
N ARG C 830 -9.39 -41.25 -23.30
CA ARG C 830 -10.34 -42.07 -22.55
C ARG C 830 -11.78 -41.67 -22.85
N GLU C 831 -12.09 -40.37 -22.72
CA GLU C 831 -13.47 -39.93 -22.89
C GLU C 831 -13.94 -40.11 -24.33
N ASN C 832 -13.04 -39.97 -25.29
CA ASN C 832 -13.38 -40.06 -26.71
C ASN C 832 -13.06 -41.42 -27.31
N ASN C 833 -12.76 -42.43 -26.49
CA ASN C 833 -12.55 -43.80 -26.94
C ASN C 833 -11.54 -43.85 -28.10
N ILE C 834 -10.43 -43.16 -27.89
CA ILE C 834 -9.35 -43.09 -28.87
C ILE C 834 -8.29 -44.11 -28.48
N SER C 835 -7.97 -45.02 -29.41
CA SER C 835 -7.05 -46.10 -29.12
C SER C 835 -5.60 -45.77 -29.44
N ASN C 836 -5.36 -44.72 -30.24
CA ASN C 836 -4.01 -44.37 -30.64
C ASN C 836 -3.93 -42.87 -30.90
N ALA C 837 -2.90 -42.24 -30.36
CA ALA C 837 -2.62 -40.83 -30.65
C ALA C 837 -1.17 -40.54 -30.28
N THR C 838 -0.66 -39.44 -30.82
CA THR C 838 0.65 -38.92 -30.48
C THR C 838 0.50 -37.47 -30.04
N VAL C 839 1.16 -37.10 -28.94
CA VAL C 839 1.08 -35.76 -28.39
C VAL C 839 2.47 -35.12 -28.41
N TYR C 840 2.52 -33.86 -28.83
CA TYR C 840 3.76 -33.08 -28.88
C TYR C 840 3.62 -31.93 -27.91
N HIS C 841 4.70 -31.59 -27.20
CA HIS C 841 4.71 -30.46 -26.30
C HIS C 841 6.07 -29.76 -26.34
N ASN C 842 6.07 -28.49 -25.92
CA ASN C 842 7.28 -27.70 -25.79
C ASN C 842 7.62 -27.55 -24.31
N ASN C 843 8.69 -28.21 -23.88
CA ASN C 843 9.15 -28.03 -22.51
C ASN C 843 10.64 -28.35 -22.45
N THR C 844 11.47 -27.32 -22.30
CA THR C 844 12.90 -27.51 -22.42
C THR C 844 13.49 -28.11 -21.14
N ASN C 845 12.66 -28.29 -20.12
CA ASN C 845 13.13 -28.86 -18.87
C ASN C 845 12.86 -30.36 -18.78
N GLY C 846 12.31 -30.96 -19.83
CA GLY C 846 12.05 -32.38 -19.85
C GLY C 846 10.67 -32.73 -19.31
N THR C 847 10.25 -33.96 -19.61
CA THR C 847 8.97 -34.45 -19.12
C THR C 847 9.13 -35.05 -17.74
N CYS C 848 8.30 -34.59 -16.80
CA CYS C 848 8.43 -35.02 -15.42
C CYS C 848 8.14 -36.51 -15.28
N GLY C 849 8.79 -37.13 -14.30
CA GLY C 849 8.71 -38.56 -14.13
C GLY C 849 7.32 -39.09 -13.85
N TYR C 850 6.41 -38.24 -13.39
CA TYR C 850 5.05 -38.64 -13.08
C TYR C 850 4.29 -39.11 -14.32
N CYS C 851 4.67 -38.62 -15.50
CA CYS C 851 4.05 -39.07 -16.74
C CYS C 851 4.39 -40.53 -17.05
N ASN C 852 5.50 -41.05 -16.54
CA ASN C 852 6.01 -42.35 -16.95
C ASN C 852 5.12 -43.50 -16.52
N THR C 853 4.34 -43.34 -15.45
CA THR C 853 3.43 -44.38 -14.99
C THR C 853 1.97 -43.96 -15.05
N MET C 854 1.69 -42.67 -14.87
CA MET C 854 0.29 -42.23 -14.76
C MET C 854 -0.37 -42.06 -16.12
N THR C 855 0.40 -41.80 -17.18
CA THR C 855 -0.18 -41.72 -18.52
C THR C 855 -0.90 -43.01 -18.88
N ALA C 856 -0.26 -44.16 -18.64
CA ALA C 856 -0.92 -45.44 -18.92
C ALA C 856 -2.17 -45.62 -18.07
N THR C 857 -2.14 -45.14 -16.83
CA THR C 857 -3.31 -45.24 -15.97
C THR C 857 -4.47 -44.43 -16.53
N PHE C 858 -4.20 -43.22 -17.01
CA PHE C 858 -5.26 -42.36 -17.54
C PHE C 858 -5.79 -42.90 -18.85
N LEU C 859 -4.96 -43.57 -19.65
CA LEU C 859 -5.41 -44.16 -20.89
C LEU C 859 -6.40 -45.28 -20.61
N PRO C 860 -7.40 -45.45 -21.48
CA PRO C 860 -8.28 -46.61 -21.38
C PRO C 860 -7.55 -47.88 -21.82
N GLU C 861 -8.04 -49.01 -21.33
CA GLU C 861 -7.40 -50.29 -21.63
C GLU C 861 -7.27 -50.47 -23.13
N GLY C 862 -6.05 -50.79 -23.57
CA GLY C 862 -5.79 -51.03 -24.97
C GLY C 862 -5.31 -49.84 -25.77
N ALA C 863 -5.44 -48.63 -25.22
CA ALA C 863 -5.03 -47.41 -25.91
C ALA C 863 -3.56 -47.13 -25.68
N THR C 864 -2.92 -46.54 -26.69
CA THR C 864 -1.53 -46.15 -26.62
C THR C 864 -1.36 -44.69 -26.99
N LEU C 865 -0.63 -43.96 -26.15
CA LEU C 865 -0.26 -42.58 -26.41
C LEU C 865 1.25 -42.47 -26.52
N THR C 866 1.71 -41.83 -27.60
CA THR C 866 3.13 -41.53 -27.80
C THR C 866 3.38 -40.10 -27.36
N VAL C 867 4.33 -39.91 -26.44
CA VAL C 867 4.65 -38.59 -25.93
C VAL C 867 5.98 -38.12 -26.52
N VAL C 868 5.95 -37.02 -27.25
CA VAL C 868 7.11 -36.56 -28.01
C VAL C 868 7.62 -35.25 -27.44
N PRO C 869 8.82 -35.21 -26.88
CA PRO C 869 9.38 -33.95 -26.40
C PRO C 869 9.83 -33.08 -27.56
N PRO C 870 10.17 -31.81 -27.31
CA PRO C 870 10.67 -30.97 -28.40
C PRO C 870 12.01 -31.39 -28.96
N GLU C 871 12.74 -32.27 -28.25
CA GLU C 871 14.04 -32.78 -28.71
C GLU C 871 15.03 -31.65 -28.93
N ASN C 872 14.95 -30.61 -28.10
CA ASN C 872 15.93 -29.54 -28.09
C ASN C 872 16.57 -29.30 -26.73
N ALA C 873 16.38 -30.21 -25.77
CA ALA C 873 16.90 -30.05 -24.42
C ALA C 873 16.88 -31.41 -23.74
N VAL C 874 17.61 -31.51 -22.63
CA VAL C 874 17.63 -32.78 -21.89
C VAL C 874 16.68 -32.72 -20.71
N ALA C 875 17.06 -31.98 -19.66
CA ALA C 875 16.25 -31.93 -18.45
C ALA C 875 16.68 -30.80 -17.52
N ASN C 876 15.78 -30.38 -16.64
CA ASN C 876 16.17 -29.57 -15.50
C ASN C 876 15.94 -30.23 -14.15
N ASN C 877 15.83 -31.56 -14.10
CA ASN C 877 15.64 -32.26 -12.84
C ASN C 877 16.04 -33.72 -13.03
N SER C 878 15.93 -34.48 -11.94
CA SER C 878 16.19 -35.91 -11.99
C SER C 878 14.99 -36.65 -12.56
N ARG C 879 15.25 -37.85 -13.07
CA ARG C 879 14.21 -38.78 -13.52
C ARG C 879 13.27 -38.13 -14.52
N ALA C 880 13.82 -37.35 -15.45
CA ALA C 880 13.04 -36.73 -16.51
C ALA C 880 13.28 -37.46 -17.81
N ILE C 881 12.29 -37.39 -18.71
CA ILE C 881 12.33 -38.08 -20.00
C ILE C 881 12.67 -37.06 -21.07
N ASP C 882 13.73 -37.33 -21.82
CA ASP C 882 14.19 -36.47 -22.90
C ASP C 882 14.04 -37.18 -24.25
N TYR C 883 13.29 -38.27 -24.27
CA TYR C 883 13.17 -39.11 -25.46
C TYR C 883 11.72 -39.51 -25.65
N VAL C 884 11.41 -39.96 -26.85
CA VAL C 884 10.04 -40.36 -27.18
C VAL C 884 9.71 -41.67 -26.48
N LYS C 885 8.60 -41.68 -25.76
CA LYS C 885 8.16 -42.85 -25.01
C LYS C 885 6.68 -43.10 -25.25
N THR C 886 6.34 -44.38 -25.37
CA THR C 886 4.97 -44.81 -25.61
C THR C 886 4.43 -45.44 -24.33
N TYR C 887 3.16 -45.18 -24.03
CA TYR C 887 2.49 -45.73 -22.86
C TYR C 887 1.20 -46.41 -23.31
N THR C 888 0.93 -47.59 -22.76
CA THR C 888 -0.25 -48.38 -23.11
C THR C 888 -1.08 -48.62 -21.86
N GLY C 889 -2.39 -48.41 -21.98
CA GLY C 889 -3.31 -48.64 -20.87
C GLY C 889 -3.72 -50.10 -20.73
#